data_6UXN
#
_entry.id   6UXN
#
_cell.length_a   157.762
_cell.length_b   91.089
_cell.length_c   96.395
_cell.angle_alpha   90.000
_cell.angle_beta   107.070
_cell.angle_gamma   90.000
#
_symmetry.space_group_name_H-M   'C 1 2 1'
#
loop_
_entity.id
_entity.type
_entity.pdbx_description
1 polymer 'Bcl-2 homologous antagonist/killer'
2 non-polymer O-[(R)-{[(2R)-2,3-bis(octanoyloxy)propyl]oxy}(hydroxy)phosphoryl]-L-serine
3 non-polymer 'SULFATE ION'
4 non-polymer GLYCEROL
5 water water
#
_entity_poly.entity_id   1
_entity_poly.type   'polypeptide(L)'
_entity_poly.pdbx_seq_one_letter_code
;GPLGSSTMGQVGRQLAIIGDDINRRYDSEFQTMLQHLQPTAENAYEYFTKIATSLFESGINWGRVVALLGFGYRLALHVY
QHGLT
;
_entity_poly.pdbx_strand_id   A,B,C,D,E,F,G,H,I,J,K,L
#
# COMPACT_ATOMS: atom_id res chain seq x y z
N GLY A 4 -26.10 -6.24 14.03
CA GLY A 4 -25.77 -6.74 12.71
C GLY A 4 -24.88 -5.80 11.93
N SER A 5 -24.93 -5.89 10.60
CA SER A 5 -24.11 -5.04 9.74
C SER A 5 -24.61 -3.60 9.69
N SER A 6 -25.55 -3.20 10.54
CA SER A 6 -26.02 -1.82 10.55
C SER A 6 -24.91 -0.90 11.04
N THR A 7 -25.18 0.41 10.95
CA THR A 7 -24.19 1.38 11.42
C THR A 7 -23.97 1.29 12.92
N MET A 8 -24.99 0.88 13.68
CA MET A 8 -24.80 0.66 15.12
C MET A 8 -23.91 -0.54 15.38
N GLY A 9 -24.10 -1.63 14.63
CA GLY A 9 -23.23 -2.77 14.76
C GLY A 9 -21.81 -2.49 14.32
N GLN A 10 -21.65 -1.59 13.35
CA GLN A 10 -20.32 -1.21 12.90
C GLN A 10 -19.57 -0.46 14.00
N VAL A 11 -20.23 0.50 14.63
CA VAL A 11 -19.59 1.27 15.70
C VAL A 11 -19.27 0.38 16.89
N GLY A 12 -20.17 -0.55 17.21
CA GLY A 12 -19.91 -1.45 18.33
C GLY A 12 -18.66 -2.29 18.12
N ARG A 13 -18.48 -2.82 16.91
CA ARG A 13 -17.28 -3.61 16.63
C ARG A 13 -16.02 -2.75 16.59
N GLN A 14 -16.16 -1.46 16.24
CA GLN A 14 -15.01 -0.57 16.25
C GLN A 14 -14.60 -0.24 17.68
N LEU A 15 -15.57 -0.12 18.59
CA LEU A 15 -15.23 0.08 20.00
C LEU A 15 -14.57 -1.16 20.59
N ALA A 16 -14.93 -2.35 20.09
CA ALA A 16 -14.30 -3.58 20.56
C ALA A 16 -12.81 -3.60 20.25
N ILE A 17 -12.43 -3.08 19.08
CA ILE A 17 -11.01 -3.01 18.72
C ILE A 17 -10.30 -1.94 19.55
N ILE A 18 -10.96 -0.80 19.78
CA ILE A 18 -10.37 0.23 20.62
C ILE A 18 -10.17 -0.27 22.05
N GLY A 19 -11.18 -0.96 22.58
CA GLY A 19 -11.07 -1.48 23.94
C GLY A 19 -10.01 -2.57 24.06
N ASP A 20 -9.91 -3.43 23.05
CA ASP A 20 -8.85 -4.44 23.03
C ASP A 20 -7.48 -3.80 22.91
N ASP A 21 -7.39 -2.67 22.22
CA ASP A 21 -6.12 -1.96 22.10
C ASP A 21 -5.78 -1.25 23.40
N ILE A 22 -6.78 -0.65 24.06
CA ILE A 22 -6.56 -0.06 25.38
C ILE A 22 -6.11 -1.13 26.37
N ASN A 23 -6.71 -2.32 26.29
CA ASN A 23 -6.39 -3.37 27.24
C ASN A 23 -4.98 -3.91 27.03
N ARG A 24 -4.57 -4.11 25.78
CA ARG A 24 -3.24 -4.65 25.52
C ARG A 24 -2.13 -3.61 25.71
N ARG A 25 -2.45 -2.32 25.66
CA ARG A 25 -1.42 -1.30 25.78
C ARG A 25 -1.09 -0.96 27.23
N TYR A 26 -2.05 -1.05 28.14
CA TYR A 26 -1.86 -0.49 29.48
C TYR A 26 -2.09 -1.46 30.63
N ASP A 27 -2.67 -2.63 30.40
CA ASP A 27 -2.91 -3.54 31.51
C ASP A 27 -1.61 -3.95 32.18
N SER A 28 -0.60 -4.31 31.37
CA SER A 28 0.71 -4.67 31.92
C SER A 28 1.29 -3.53 32.75
N GLU A 29 1.11 -2.29 32.30
CA GLU A 29 1.60 -1.15 33.07
C GLU A 29 0.84 -1.01 34.38
N PHE A 30 -0.48 -1.23 34.36
CA PHE A 30 -1.26 -1.16 35.59
C PHE A 30 -0.78 -2.21 36.60
N GLN A 31 -0.43 -3.41 36.13
CA GLN A 31 0.05 -4.45 37.04
C GLN A 31 1.41 -4.07 37.62
N THR A 32 2.28 -3.45 36.81
CA THR A 32 3.58 -3.03 37.30
C THR A 32 3.44 -1.92 38.34
N MET A 33 2.56 -0.96 38.08
CA MET A 33 2.35 0.13 39.04
C MET A 33 1.74 -0.38 40.33
N LEU A 34 0.86 -1.39 40.24
CA LEU A 34 0.26 -1.97 41.45
C LEU A 34 1.28 -2.78 42.23
N GLN A 35 2.18 -3.48 41.53
CA GLN A 35 3.21 -4.24 42.24
C GLN A 35 4.18 -3.31 42.96
N HIS A 36 4.44 -2.13 42.39
CA HIS A 36 5.35 -1.19 43.04
C HIS A 36 4.67 -0.51 44.22
N LEU A 37 3.36 -0.26 44.11
CA LEU A 37 2.66 0.42 45.19
C LEU A 37 2.39 -0.51 46.36
N GLN A 38 2.26 -1.81 46.08
CA GLN A 38 1.92 -2.82 47.08
C GLN A 38 0.69 -2.39 47.89
N PRO A 39 -0.47 -2.24 47.25
CA PRO A 39 -1.64 -1.73 47.97
C PRO A 39 -2.31 -2.82 48.79
N THR A 40 -2.82 -2.42 49.96
CA THR A 40 -3.58 -3.29 50.84
C THR A 40 -4.98 -2.68 51.05
N ALA A 41 -5.84 -3.41 51.76
CA ALA A 41 -7.18 -2.91 52.02
C ALA A 41 -7.17 -1.71 52.96
N GLU A 42 -6.05 -1.47 53.64
CA GLU A 42 -6.01 -0.38 54.62
C GLU A 42 -5.66 0.94 53.96
N ASN A 43 -4.89 0.92 52.86
CA ASN A 43 -4.44 2.15 52.23
C ASN A 43 -4.85 2.25 50.75
N ALA A 44 -5.74 1.37 50.27
CA ALA A 44 -6.11 1.39 48.86
C ALA A 44 -6.87 2.66 48.50
N TYR A 45 -7.91 2.99 49.25
CA TYR A 45 -8.67 4.20 48.97
C TYR A 45 -7.84 5.44 49.25
N GLU A 46 -6.96 5.40 50.25
CA GLU A 46 -6.05 6.51 50.49
C GLU A 46 -5.09 6.70 49.32
N TYR A 47 -4.58 5.59 48.77
CA TYR A 47 -3.71 5.68 47.60
C TYR A 47 -4.46 6.21 46.39
N PHE A 48 -5.67 5.71 46.16
CA PHE A 48 -6.44 6.08 44.97
C PHE A 48 -6.79 7.55 44.97
N THR A 49 -7.07 8.14 46.14
CA THR A 49 -7.37 9.56 46.21
C THR A 49 -6.13 10.41 45.97
N LYS A 50 -4.98 9.98 46.52
CA LYS A 50 -3.74 10.71 46.28
C LYS A 50 -3.31 10.62 44.81
N ILE A 51 -3.51 9.46 44.19
CA ILE A 51 -3.16 9.30 42.78
C ILE A 51 -4.06 10.17 41.91
N ALA A 52 -5.35 10.25 42.23
CA ALA A 52 -6.29 11.01 41.41
C ALA A 52 -5.97 12.51 41.47
N THR A 53 -5.60 13.02 42.64
CA THR A 53 -5.26 14.44 42.75
C THR A 53 -3.97 14.75 41.99
N SER A 54 -2.96 13.89 42.10
CA SER A 54 -1.75 14.06 41.31
C SER A 54 -2.05 13.96 39.81
N LEU A 55 -2.96 13.06 39.43
CA LEU A 55 -3.32 12.90 38.04
C LEU A 55 -3.98 14.16 37.49
N PHE A 56 -5.02 14.65 38.16
CA PHE A 56 -5.79 15.78 37.66
C PHE A 56 -5.12 17.12 37.94
N GLU A 57 -3.94 17.12 38.56
CA GLU A 57 -3.22 18.37 38.77
C GLU A 57 -2.78 18.99 37.45
N SER A 58 -2.60 18.18 36.42
CA SER A 58 -2.14 18.65 35.11
C SER A 58 -3.27 18.76 34.09
N GLY A 59 -4.52 18.69 34.53
CA GLY A 59 -5.66 18.81 33.65
C GLY A 59 -6.59 17.61 33.74
N ILE A 60 -7.69 17.70 33.01
CA ILE A 60 -8.72 16.66 33.01
C ILE A 60 -9.29 16.51 31.61
N ASN A 61 -9.40 15.27 31.14
CA ASN A 61 -10.08 14.93 29.90
C ASN A 61 -10.65 13.54 30.05
N TRP A 62 -11.48 13.13 29.08
CA TRP A 62 -12.12 11.82 29.18
C TRP A 62 -11.10 10.69 29.14
N GLY A 63 -9.96 10.91 28.49
CA GLY A 63 -8.92 9.90 28.50
C GLY A 63 -8.32 9.68 29.87
N ARG A 64 -8.15 10.76 30.63
CA ARG A 64 -7.62 10.64 31.99
C ARG A 64 -8.64 10.00 32.94
N VAL A 65 -9.92 10.23 32.71
CA VAL A 65 -10.94 9.69 33.60
C VAL A 65 -11.06 8.18 33.40
N VAL A 66 -11.11 7.73 32.15
CA VAL A 66 -11.24 6.30 31.89
C VAL A 66 -9.96 5.56 32.28
N ALA A 67 -8.81 6.24 32.25
CA ALA A 67 -7.58 5.61 32.71
C ALA A 67 -7.61 5.43 34.22
N LEU A 68 -8.18 6.40 34.94
CA LEU A 68 -8.31 6.27 36.39
C LEU A 68 -9.37 5.22 36.75
N LEU A 69 -10.45 5.15 35.97
CA LEU A 69 -11.46 4.12 36.20
C LEU A 69 -10.88 2.72 36.00
N GLY A 70 -10.11 2.54 34.92
CA GLY A 70 -9.49 1.25 34.69
C GLY A 70 -8.45 0.90 35.74
N PHE A 71 -7.72 1.92 36.21
CA PHE A 71 -6.72 1.66 37.24
C PHE A 71 -7.37 1.36 38.58
N GLY A 72 -8.44 2.09 38.92
CA GLY A 72 -9.17 1.79 40.13
C GLY A 72 -9.74 0.39 40.14
N TYR A 73 -10.22 -0.07 38.98
CA TYR A 73 -10.73 -1.43 38.88
C TYR A 73 -9.61 -2.45 39.09
N ARG A 74 -8.45 -2.24 38.45
CA ARG A 74 -7.32 -3.13 38.68
C ARG A 74 -6.81 -3.01 40.11
N LEU A 75 -6.88 -1.81 40.69
CA LEU A 75 -6.51 -1.64 42.09
C LEU A 75 -7.39 -2.49 42.99
N ALA A 76 -8.72 -2.35 42.87
CA ALA A 76 -9.64 -3.11 43.69
C ALA A 76 -9.47 -4.61 43.47
N LEU A 77 -9.32 -5.01 42.21
CA LEU A 77 -9.12 -6.42 41.90
C LEU A 77 -7.82 -6.95 42.49
N HIS A 78 -6.78 -6.13 42.54
CA HIS A 78 -5.50 -6.55 43.10
C HIS A 78 -5.60 -6.76 44.61
N VAL A 79 -6.26 -5.84 45.31
CA VAL A 79 -6.42 -5.97 46.76
C VAL A 79 -7.32 -7.15 47.09
N TYR A 80 -8.30 -7.46 46.24
CA TYR A 80 -9.21 -8.55 46.52
C TYR A 80 -8.53 -9.90 46.37
N GLN A 81 -7.71 -10.08 45.33
CA GLN A 81 -7.13 -11.38 45.04
C GLN A 81 -5.92 -11.68 45.90
N HIS A 82 -5.16 -10.66 46.31
CA HIS A 82 -3.99 -10.88 47.15
C HIS A 82 -4.33 -11.06 48.62
N GLY A 83 -5.62 -10.98 48.99
CA GLY A 83 -6.02 -11.24 50.35
C GLY A 83 -6.75 -12.56 50.50
N LEU A 84 -7.06 -13.20 49.37
CA LEU A 84 -7.74 -14.49 49.39
C LEU A 84 -6.78 -15.57 49.90
N THR A 85 -7.02 -16.05 51.11
CA THR A 85 -6.18 -17.10 51.70
C THR A 85 -7.04 -18.26 52.19
N SER B 6 6.81 3.69 42.10
CA SER B 6 7.28 4.25 43.37
C SER B 6 6.14 4.90 44.15
N THR B 7 6.23 6.22 44.33
CA THR B 7 5.24 6.96 45.10
C THR B 7 3.93 7.07 44.32
N MET B 8 2.92 7.64 44.99
CA MET B 8 1.66 7.93 44.31
C MET B 8 1.81 9.03 43.27
N GLY B 9 2.78 9.92 43.45
CA GLY B 9 2.99 10.97 42.47
C GLY B 9 3.45 10.43 41.13
N GLN B 10 4.35 9.44 41.14
N GLN B 10 4.35 9.44 41.15
CA GLN B 10 4.77 8.83 39.89
CA GLN B 10 4.79 8.81 39.91
C GLN B 10 3.62 8.07 39.23
C GLN B 10 3.65 8.06 39.24
N VAL B 11 2.84 7.34 40.02
CA VAL B 11 1.71 6.60 39.45
C VAL B 11 0.68 7.57 38.90
N GLY B 12 0.39 8.64 39.64
CA GLY B 12 -0.55 9.64 39.15
C GLY B 12 -0.08 10.32 37.89
N ARG B 13 1.22 10.63 37.82
CA ARG B 13 1.76 11.26 36.61
C ARG B 13 1.81 10.28 35.44
N GLN B 14 1.97 8.99 35.72
CA GLN B 14 1.95 8.00 34.66
C GLN B 14 0.54 7.81 34.10
N LEU B 15 -0.48 7.93 34.96
CA LEU B 15 -1.85 7.86 34.47
C LEU B 15 -2.20 9.08 33.63
N ALA B 16 -1.66 10.25 33.99
CA ALA B 16 -1.82 11.44 33.15
C ALA B 16 -1.22 11.21 31.76
N ILE B 17 -0.09 10.51 31.70
CA ILE B 17 0.52 10.17 30.42
C ILE B 17 -0.31 9.13 29.68
N ILE B 18 -0.76 8.10 30.39
CA ILE B 18 -1.62 7.09 29.77
C ILE B 18 -2.93 7.71 29.32
N GLY B 19 -3.55 8.51 30.20
CA GLY B 19 -4.82 9.14 29.85
C GLY B 19 -4.71 10.08 28.67
N ASP B 20 -3.64 10.88 28.61
CA ASP B 20 -3.45 11.76 27.46
C ASP B 20 -3.15 10.96 26.20
N ASP B 21 -2.56 9.77 26.34
CA ASP B 21 -2.30 8.92 25.18
C ASP B 21 -3.59 8.34 24.63
N ILE B 22 -4.46 7.84 25.51
CA ILE B 22 -5.78 7.37 25.12
C ILE B 22 -6.55 8.48 24.41
N ASN B 23 -6.49 9.69 24.94
CA ASN B 23 -7.26 10.80 24.38
C ASN B 23 -6.85 11.10 22.95
N ARG B 24 -5.56 11.17 22.67
CA ARG B 24 -5.10 11.54 21.33
C ARG B 24 -5.29 10.40 20.33
N ARG B 25 -5.30 9.14 20.79
CA ARG B 25 -5.40 8.02 19.86
C ARG B 25 -6.83 7.80 19.37
N TYR B 26 -7.83 8.10 20.19
CA TYR B 26 -9.19 7.65 19.90
C TYR B 26 -10.24 8.75 19.84
N ASP B 27 -9.92 9.98 20.27
CA ASP B 27 -10.92 11.03 20.24
C ASP B 27 -11.38 11.32 18.81
N SER B 28 -10.44 11.41 17.88
CA SER B 28 -10.81 11.62 16.49
CA SER B 28 -10.81 11.62 16.49
C SER B 28 -11.63 10.46 15.94
N GLU B 29 -11.35 9.23 16.41
CA GLU B 29 -12.16 8.10 15.98
C GLU B 29 -13.55 8.18 16.56
N PHE B 30 -13.67 8.65 17.81
CA PHE B 30 -14.99 8.90 18.38
C PHE B 30 -15.72 9.99 17.61
N GLN B 31 -14.99 11.02 17.18
CA GLN B 31 -15.59 12.08 16.38
C GLN B 31 -16.09 11.54 15.05
N THR B 32 -15.31 10.67 14.39
CA THR B 32 -15.69 10.16 13.09
C THR B 32 -16.88 9.22 13.19
N MET B 33 -16.97 8.44 14.27
CA MET B 33 -18.11 7.55 14.45
C MET B 33 -19.39 8.34 14.73
N LEU B 34 -19.28 9.41 15.52
CA LEU B 34 -20.44 10.24 15.82
C LEU B 34 -20.98 10.92 14.56
N GLN B 35 -20.10 11.32 13.63
CA GLN B 35 -20.56 11.95 12.40
C GLN B 35 -21.31 10.97 11.51
N HIS B 36 -20.90 9.71 11.49
CA HIS B 36 -21.61 8.70 10.70
C HIS B 36 -22.90 8.26 11.39
N LEU B 37 -22.94 8.27 12.72
CA LEU B 37 -24.13 7.82 13.43
C LEU B 37 -25.30 8.77 13.23
N GLN B 38 -25.03 10.08 13.15
CA GLN B 38 -26.07 11.10 13.14
C GLN B 38 -26.98 10.97 14.36
N PRO B 39 -26.43 11.07 15.57
CA PRO B 39 -27.25 10.88 16.77
C PRO B 39 -28.04 12.13 17.12
N THR B 40 -29.24 11.90 17.65
CA THR B 40 -30.14 12.97 18.08
C THR B 40 -30.60 12.68 19.50
N ALA B 41 -31.36 13.62 20.08
CA ALA B 41 -31.89 13.44 21.42
C ALA B 41 -32.92 12.32 21.49
N GLU B 42 -33.50 11.94 20.35
CA GLU B 42 -34.58 10.96 20.34
C GLU B 42 -34.09 9.52 20.15
N ASN B 43 -32.87 9.32 19.64
CA ASN B 43 -32.36 7.98 19.43
C ASN B 43 -31.03 7.73 20.13
N ALA B 44 -30.58 8.65 20.99
CA ALA B 44 -29.24 8.53 21.59
C ALA B 44 -29.13 7.29 22.45
N TYR B 45 -30.09 7.06 23.34
CA TYR B 45 -30.04 5.88 24.19
C TYR B 45 -30.31 4.61 23.40
N GLU B 46 -31.13 4.69 22.35
CA GLU B 46 -31.30 3.55 21.46
C GLU B 46 -29.99 3.17 20.80
N TYR B 47 -29.26 4.17 20.28
CA TYR B 47 -27.97 3.92 19.67
C TYR B 47 -26.97 3.35 20.68
N PHE B 48 -26.86 4.00 21.84
CA PHE B 48 -25.92 3.54 22.86
C PHE B 48 -26.17 2.09 23.23
N THR B 49 -27.45 1.71 23.38
CA THR B 49 -27.76 0.34 23.80
C THR B 49 -27.42 -0.67 22.72
N LYS B 50 -27.80 -0.39 21.46
CA LYS B 50 -27.45 -1.31 20.38
C LYS B 50 -25.95 -1.37 20.15
N ILE B 51 -25.26 -0.24 20.31
CA ILE B 51 -23.80 -0.23 20.19
C ILE B 51 -23.17 -1.07 21.29
N ALA B 52 -23.66 -0.93 22.52
CA ALA B 52 -23.14 -1.74 23.62
C ALA B 52 -23.37 -3.22 23.36
N THR B 53 -24.56 -3.58 22.87
CA THR B 53 -24.85 -4.97 22.53
C THR B 53 -23.88 -5.48 21.47
N SER B 54 -23.71 -4.73 20.38
CA SER B 54 -22.78 -5.13 19.34
C SER B 54 -21.34 -5.20 19.86
N LEU B 55 -21.00 -4.36 20.83
CA LEU B 55 -19.65 -4.35 21.38
C LEU B 55 -19.39 -5.59 22.22
N PHE B 56 -20.28 -5.90 23.17
CA PHE B 56 -20.06 -6.98 24.12
C PHE B 56 -20.41 -8.35 23.55
N GLU B 57 -20.86 -8.43 22.30
CA GLU B 57 -21.12 -9.73 21.70
C GLU B 57 -19.83 -10.51 21.43
N SER B 58 -18.68 -9.85 21.48
CA SER B 58 -17.40 -10.50 21.24
C SER B 58 -16.52 -10.53 22.50
N GLY B 59 -17.10 -10.33 23.66
CA GLY B 59 -16.38 -10.41 24.91
C GLY B 59 -16.37 -9.09 25.65
N ILE B 60 -15.91 -9.16 26.90
CA ILE B 60 -15.88 -7.99 27.77
C ILE B 60 -14.58 -8.00 28.57
N ASN B 61 -13.92 -6.85 28.63
CA ASN B 61 -12.79 -6.59 29.52
C ASN B 61 -12.88 -5.14 29.96
N TRP B 62 -11.97 -4.73 30.85
CA TRP B 62 -12.05 -3.35 31.37
C TRP B 62 -11.77 -2.34 30.28
N GLY B 63 -10.96 -2.71 29.27
CA GLY B 63 -10.72 -1.79 28.17
C GLY B 63 -11.96 -1.53 27.34
N ARG B 64 -12.72 -2.58 27.04
CA ARG B 64 -13.98 -2.42 26.32
C ARG B 64 -14.99 -1.60 27.11
N VAL B 65 -14.98 -1.74 28.45
CA VAL B 65 -15.94 -1.02 29.27
C VAL B 65 -15.61 0.47 29.28
N VAL B 66 -14.35 0.83 29.50
CA VAL B 66 -14.00 2.25 29.55
C VAL B 66 -14.11 2.88 28.17
N ALA B 67 -13.85 2.11 27.11
CA ALA B 67 -14.05 2.64 25.77
C ALA B 67 -15.52 2.96 25.53
N LEU B 68 -16.41 2.08 25.97
CA LEU B 68 -17.84 2.35 25.84
C LEU B 68 -18.25 3.54 26.71
N LEU B 69 -17.65 3.67 27.89
CA LEU B 69 -17.96 4.80 28.77
C LEU B 69 -17.46 6.11 28.16
N GLY B 70 -16.25 6.11 27.60
CA GLY B 70 -15.74 7.31 26.97
C GLY B 70 -16.55 7.71 25.75
N PHE B 71 -16.98 6.73 24.96
CA PHE B 71 -17.79 7.04 23.80
C PHE B 71 -19.18 7.49 24.20
N GLY B 72 -19.74 6.88 25.25
CA GLY B 72 -21.05 7.30 25.73
C GLY B 72 -21.03 8.71 26.29
N TYR B 73 -19.94 9.08 26.96
CA TYR B 73 -19.75 10.48 27.35
C TYR B 73 -19.71 11.38 26.14
N ARG B 74 -18.85 11.05 25.16
CA ARG B 74 -18.77 11.86 23.94
C ARG B 74 -20.08 11.84 23.17
N LEU B 75 -20.84 10.74 23.26
CA LEU B 75 -22.14 10.68 22.61
C LEU B 75 -23.12 11.66 23.24
N ALA B 76 -23.26 11.60 24.56
CA ALA B 76 -24.19 12.51 25.25
C ALA B 76 -23.77 13.95 25.07
N LEU B 77 -22.46 14.23 25.11
CA LEU B 77 -21.99 15.60 24.92
C LEU B 77 -22.25 16.08 23.50
N HIS B 78 -22.21 15.16 22.52
CA HIS B 78 -22.52 15.54 21.15
C HIS B 78 -23.99 15.92 20.99
N VAL B 79 -24.89 15.14 21.60
CA VAL B 79 -26.31 15.45 21.55
C VAL B 79 -26.61 16.70 22.37
N TYR B 80 -26.00 16.81 23.55
CA TYR B 80 -26.27 17.95 24.42
C TYR B 80 -25.85 19.27 23.77
N GLN B 81 -24.64 19.31 23.20
CA GLN B 81 -24.12 20.58 22.69
C GLN B 81 -24.70 20.94 21.33
N HIS B 82 -25.07 19.97 20.51
CA HIS B 82 -25.67 20.25 19.20
C HIS B 82 -27.19 20.40 19.33
N GLY B 83 -27.88 19.33 19.69
CA GLY B 83 -29.33 19.36 19.83
C GLY B 83 -29.79 19.90 21.18
N GLY C 4 8.20 20.80 33.64
CA GLY C 4 6.77 21.02 33.68
C GLY C 4 6.22 21.60 32.39
N SER C 5 5.77 22.85 32.45
CA SER C 5 5.23 23.51 31.26
C SER C 5 6.30 23.83 30.23
N SER C 6 7.58 23.68 30.57
CA SER C 6 8.65 23.97 29.63
C SER C 6 8.65 22.97 28.47
N THR C 7 9.33 23.34 27.39
CA THR C 7 9.48 22.43 26.27
C THR C 7 10.25 21.18 26.68
N MET C 8 11.20 21.33 27.63
CA MET C 8 11.87 20.16 28.18
C MET C 8 10.89 19.22 28.85
N GLY C 9 9.85 19.76 29.50
CA GLY C 9 8.84 18.92 30.09
C GLY C 9 8.05 18.14 29.05
N GLN C 10 7.67 18.81 27.95
CA GLN C 10 6.96 18.12 26.88
C GLN C 10 7.82 17.06 26.23
N VAL C 11 9.08 17.41 25.93
CA VAL C 11 9.99 16.46 25.30
C VAL C 11 10.27 15.27 26.23
N GLY C 12 10.40 15.54 27.53
CA GLY C 12 10.60 14.47 28.47
C GLY C 12 9.40 13.53 28.54
N ARG C 13 8.19 14.09 28.48
CA ARG C 13 7.00 13.26 28.51
C ARG C 13 6.81 12.50 27.21
N GLN C 14 7.19 13.09 26.07
CA GLN C 14 7.10 12.36 24.80
C GLN C 14 8.11 11.22 24.74
N LEU C 15 9.28 11.39 25.36
CA LEU C 15 10.21 10.28 25.47
C LEU C 15 9.63 9.17 26.35
N ALA C 16 8.77 9.52 27.29
CA ALA C 16 8.14 8.52 28.15
C ALA C 16 7.18 7.64 27.35
N ILE C 17 6.45 8.24 26.42
CA ILE C 17 5.59 7.46 25.53
C ILE C 17 6.44 6.53 24.65
N ILE C 18 7.52 7.07 24.10
CA ILE C 18 8.40 6.28 23.23
C ILE C 18 9.04 5.15 24.02
N GLY C 19 9.54 5.45 25.22
CA GLY C 19 10.13 4.40 26.04
C GLY C 19 9.16 3.31 26.42
N ASP C 20 7.94 3.70 26.84
CA ASP C 20 6.92 2.71 27.15
C ASP C 20 6.51 1.91 25.92
N ASP C 21 6.59 2.54 24.73
CA ASP C 21 6.29 1.83 23.49
C ASP C 21 7.42 0.87 23.13
N ILE C 22 8.66 1.29 23.32
CA ILE C 22 9.80 0.38 23.10
C ILE C 22 9.70 -0.81 24.04
N ASN C 23 9.27 -0.57 25.28
CA ASN C 23 9.25 -1.62 26.28
C ASN C 23 8.18 -2.66 25.97
N ARG C 24 6.95 -2.22 25.69
CA ARG C 24 5.85 -3.14 25.43
C ARG C 24 5.98 -3.86 24.10
N ARG C 25 6.80 -3.35 23.18
CA ARG C 25 6.91 -3.97 21.86
C ARG C 25 7.95 -5.07 21.78
N TYR C 26 8.99 -5.02 22.61
CA TYR C 26 10.12 -5.93 22.43
C TYR C 26 10.53 -6.70 23.69
N ASP C 27 10.05 -6.30 24.86
CA ASP C 27 10.46 -7.00 26.09
C ASP C 27 10.09 -8.47 26.03
N SER C 28 8.86 -8.76 25.56
CA SER C 28 8.45 -10.16 25.44
C SER C 28 9.30 -10.91 24.42
N GLU C 29 9.73 -10.24 23.34
CA GLU C 29 10.57 -10.89 22.36
C GLU C 29 11.95 -11.19 22.93
N PHE C 30 12.50 -10.27 23.74
CA PHE C 30 13.77 -10.52 24.39
C PHE C 30 13.71 -11.74 25.30
N GLN C 31 12.61 -11.90 26.03
CA GLN C 31 12.46 -13.04 26.92
C GLN C 31 12.34 -14.36 26.15
N THR C 32 11.71 -14.33 24.97
CA THR C 32 11.61 -15.54 24.16
C THR C 32 12.97 -15.93 23.59
N MET C 33 13.76 -14.94 23.17
CA MET C 33 15.10 -15.24 22.65
C MET C 33 16.03 -15.72 23.77
N LEU C 34 15.86 -15.20 24.98
CA LEU C 34 16.68 -15.65 26.10
C LEU C 34 16.30 -17.06 26.55
N GLN C 35 15.01 -17.42 26.46
CA GLN C 35 14.59 -18.77 26.80
C GLN C 35 15.05 -19.78 25.75
N HIS C 36 15.08 -19.38 24.48
CA HIS C 36 15.58 -20.27 23.44
C HIS C 36 17.10 -20.41 23.49
N LEU C 37 17.80 -19.34 23.87
CA LEU C 37 19.26 -19.39 23.96
C LEU C 37 19.74 -20.11 25.20
N GLN C 38 19.00 -20.00 26.31
CA GLN C 38 19.37 -20.58 27.60
C GLN C 38 20.82 -20.24 27.96
N PRO C 39 21.12 -18.98 28.22
CA PRO C 39 22.51 -18.63 28.55
C PRO C 39 22.82 -18.89 30.01
N THR C 40 24.10 -19.11 30.27
CA THR C 40 24.61 -19.33 31.61
C THR C 40 25.68 -18.30 31.93
N ALA C 41 26.16 -18.32 33.17
CA ALA C 41 27.22 -17.41 33.57
C ALA C 41 28.54 -17.71 32.87
N GLU C 42 28.71 -18.94 32.38
CA GLU C 42 29.96 -19.31 31.72
C GLU C 42 29.99 -18.92 30.24
N ASN C 43 28.83 -18.72 29.62
CA ASN C 43 28.77 -18.39 28.19
C ASN C 43 27.95 -17.13 27.91
N ALA C 44 27.62 -16.35 28.93
CA ALA C 44 26.79 -15.16 28.72
C ALA C 44 27.52 -14.13 27.87
N TYR C 45 28.74 -13.78 28.25
CA TYR C 45 29.50 -12.79 27.48
C TYR C 45 29.91 -13.33 26.12
N GLU C 46 30.21 -14.63 26.01
CA GLU C 46 30.50 -15.21 24.71
C GLU C 46 29.30 -15.12 23.79
N TYR C 47 28.10 -15.43 24.31
CA TYR C 47 26.89 -15.31 23.50
C TYR C 47 26.64 -13.87 23.08
N PHE C 48 26.78 -12.93 24.01
CA PHE C 48 26.53 -11.53 23.71
C PHE C 48 27.48 -11.00 22.64
N THR C 49 28.74 -11.48 22.63
CA THR C 49 29.69 -11.03 21.62
C THR C 49 29.34 -11.61 20.25
N LYS C 50 28.92 -12.88 20.21
CA LYS C 50 28.54 -13.49 18.94
C LYS C 50 27.25 -12.88 18.39
N ILE C 51 26.31 -12.53 19.27
CA ILE C 51 25.08 -11.88 18.84
C ILE C 51 25.37 -10.49 18.31
N ALA C 52 26.26 -9.74 18.98
CA ALA C 52 26.58 -8.39 18.54
C ALA C 52 27.29 -8.39 17.20
N THR C 53 28.09 -9.42 16.92
CA THR C 53 28.73 -9.53 15.61
C THR C 53 27.70 -9.83 14.53
N SER C 54 26.81 -10.79 14.78
CA SER C 54 25.74 -11.08 13.83
C SER C 54 24.81 -9.88 13.64
N LEU C 55 24.62 -9.08 14.69
CA LEU C 55 23.75 -7.91 14.59
C LEU C 55 24.34 -6.86 13.66
N PHE C 56 25.58 -6.46 13.91
CA PHE C 56 26.21 -5.39 13.14
C PHE C 56 26.78 -5.84 11.80
N GLU C 57 26.51 -7.09 11.40
CA GLU C 57 26.92 -7.55 10.07
C GLU C 57 26.20 -6.77 8.97
N SER C 58 24.99 -6.30 9.24
CA SER C 58 24.16 -5.64 8.24
C SER C 58 24.11 -4.12 8.42
N GLY C 59 25.00 -3.55 9.22
CA GLY C 59 25.06 -2.12 9.43
C GLY C 59 24.90 -1.76 10.89
N ILE C 60 24.93 -0.46 11.15
CA ILE C 60 24.83 0.06 12.52
C ILE C 60 24.09 1.40 12.49
N ASN C 61 23.13 1.55 13.40
CA ASN C 61 22.47 2.82 13.66
C ASN C 61 22.15 2.88 15.14
N TRP C 62 21.63 4.02 15.59
CA TRP C 62 21.35 4.15 17.02
C TRP C 62 20.27 3.17 17.46
N GLY C 63 19.32 2.87 16.58
CA GLY C 63 18.29 1.89 16.93
C GLY C 63 18.87 0.51 17.17
N ARG C 64 19.81 0.08 16.34
CA ARG C 64 20.47 -1.21 16.56
C ARG C 64 21.28 -1.22 17.85
N VAL C 65 21.86 -0.08 18.23
CA VAL C 65 22.67 -0.03 19.44
C VAL C 65 21.79 -0.10 20.68
N VAL C 66 20.70 0.68 20.70
CA VAL C 66 19.80 0.64 21.85
C VAL C 66 19.13 -0.72 21.97
N ALA C 67 18.88 -1.39 20.84
CA ALA C 67 18.31 -2.73 20.89
C ALA C 67 19.30 -3.71 21.54
N LEU C 68 20.59 -3.59 21.21
CA LEU C 68 21.59 -4.44 21.84
C LEU C 68 21.75 -4.11 23.33
N LEU C 69 21.66 -2.83 23.68
CA LEU C 69 21.77 -2.43 25.08
C LEU C 69 20.61 -2.98 25.89
N GLY C 70 19.39 -2.86 25.37
CA GLY C 70 18.24 -3.44 26.06
C GLY C 70 18.35 -4.95 26.20
N PHE C 71 18.76 -5.63 25.12
CA PHE C 71 18.89 -7.08 25.17
C PHE C 71 20.00 -7.50 26.12
N GLY C 72 21.13 -6.79 26.10
CA GLY C 72 22.21 -7.11 27.03
C GLY C 72 21.81 -6.92 28.47
N TYR C 73 20.99 -5.91 28.75
CA TYR C 73 20.47 -5.72 30.09
C TYR C 73 19.54 -6.87 30.48
N ARG C 74 18.64 -7.28 29.58
CA ARG C 74 17.79 -8.42 29.86
C ARG C 74 18.61 -9.71 29.94
N LEU C 75 19.70 -9.79 29.16
CA LEU C 75 20.57 -10.96 29.23
C LEU C 75 21.26 -11.05 30.58
N ALA C 76 21.87 -9.95 31.04
CA ALA C 76 22.50 -9.94 32.36
C ALA C 76 21.49 -10.26 33.44
N LEU C 77 20.31 -9.63 33.38
CA LEU C 77 19.27 -9.87 34.38
C LEU C 77 18.77 -11.30 34.33
N HIS C 78 18.74 -11.92 33.14
CA HIS C 78 18.26 -13.29 33.01
C HIS C 78 19.21 -14.28 33.69
N VAL C 79 20.51 -14.12 33.45
CA VAL C 79 21.49 -15.02 34.04
C VAL C 79 21.52 -14.88 35.56
N TYR C 80 21.37 -13.65 36.05
CA TYR C 80 21.45 -13.41 37.49
C TYR C 80 20.26 -14.03 38.22
N GLN C 81 19.06 -13.93 37.65
CA GLN C 81 17.87 -14.41 38.34
C GLN C 81 17.73 -15.92 38.29
N HIS C 82 18.15 -16.55 37.19
CA HIS C 82 18.02 -17.99 37.05
C HIS C 82 19.19 -18.75 37.65
N GLY C 83 20.03 -18.09 38.43
CA GLY C 83 21.05 -18.73 39.22
C GLY C 83 20.99 -18.25 40.66
N LEU C 84 19.78 -17.95 41.12
CA LEU C 84 19.53 -17.38 42.45
C LEU C 84 20.27 -16.05 42.62
N SER D 6 17.66 -21.32 16.30
CA SER D 6 17.76 -20.46 17.48
C SER D 6 19.22 -20.22 17.87
N THR D 7 20.08 -20.07 16.86
CA THR D 7 21.49 -19.83 17.10
C THR D 7 21.72 -18.38 17.49
N MET D 8 23.00 -18.04 17.73
CA MET D 8 23.36 -16.65 17.97
C MET D 8 23.13 -15.79 16.72
N GLY D 9 23.26 -16.38 15.54
CA GLY D 9 23.02 -15.60 14.32
C GLY D 9 21.55 -15.25 14.16
N GLN D 10 20.65 -16.18 14.50
CA GLN D 10 19.23 -15.90 14.42
C GLN D 10 18.83 -14.80 15.41
N VAL D 11 19.40 -14.84 16.62
CA VAL D 11 19.09 -13.81 17.61
C VAL D 11 19.68 -12.47 17.19
N GLY D 12 20.90 -12.49 16.64
CA GLY D 12 21.52 -11.25 16.20
C GLY D 12 20.79 -10.62 15.02
N ARG D 13 20.31 -11.46 14.09
CA ARG D 13 19.54 -10.93 12.99
C ARG D 13 18.17 -10.43 13.42
N GLN D 14 17.63 -11.00 14.50
CA GLN D 14 16.35 -10.51 15.02
C GLN D 14 16.52 -9.16 15.71
N LEU D 15 17.66 -8.97 16.39
CA LEU D 15 17.95 -7.66 16.96
C LEU D 15 18.16 -6.61 15.87
N ALA D 16 18.66 -7.02 14.71
CA ALA D 16 18.80 -6.08 13.59
C ALA D 16 17.45 -5.64 13.08
N ILE D 17 16.47 -6.55 13.06
CA ILE D 17 15.12 -6.19 12.66
C ILE D 17 14.48 -5.30 13.72
N ILE D 18 14.69 -5.63 14.99
CA ILE D 18 14.13 -4.82 16.08
C ILE D 18 14.76 -3.43 16.08
N GLY D 19 16.09 -3.37 15.98
CA GLY D 19 16.76 -2.07 16.01
C GLY D 19 16.41 -1.19 14.84
N ASP D 20 16.24 -1.78 13.65
CA ASP D 20 15.81 -1.01 12.49
C ASP D 20 14.38 -0.54 12.65
N ASP D 21 13.57 -1.27 13.40
CA ASP D 21 12.18 -0.88 13.63
C ASP D 21 12.12 0.31 14.58
N ILE D 22 12.88 0.24 15.69
CA ILE D 22 13.03 1.38 16.59
C ILE D 22 13.51 2.61 15.83
N ASN D 23 14.48 2.42 14.94
CA ASN D 23 15.03 3.55 14.18
C ASN D 23 13.97 4.19 13.29
N ARG D 24 13.17 3.37 12.60
CA ARG D 24 12.17 3.89 11.69
C ARG D 24 10.93 4.45 12.39
N ARG D 25 10.67 4.05 13.63
CA ARG D 25 9.49 4.52 14.33
C ARG D 25 9.70 5.84 15.06
N TYR D 26 10.91 6.12 15.53
CA TYR D 26 11.14 7.23 16.44
C TYR D 26 12.20 8.23 16.00
N ASP D 27 12.97 7.96 14.94
CA ASP D 27 14.00 8.92 14.55
C ASP D 27 13.38 10.21 14.03
N SER D 28 12.29 10.11 13.26
CA SER D 28 11.60 11.32 12.81
C SER D 28 11.03 12.10 13.98
N GLU D 29 10.66 11.41 15.07
CA GLU D 29 10.18 12.13 16.24
C GLU D 29 11.32 12.81 16.98
N PHE D 30 12.51 12.21 16.99
CA PHE D 30 13.67 12.84 17.60
C PHE D 30 14.06 14.11 16.84
N GLN D 31 14.01 14.08 15.51
CA GLN D 31 14.32 15.26 14.72
C GLN D 31 13.34 16.39 15.01
N THR D 32 12.04 16.06 15.07
CA THR D 32 11.05 17.07 15.41
C THR D 32 11.33 17.68 16.78
N MET D 33 11.64 16.84 17.77
CA MET D 33 11.95 17.34 19.11
C MET D 33 13.19 18.24 19.10
N LEU D 34 14.21 17.87 18.31
CA LEU D 34 15.41 18.70 18.25
C LEU D 34 15.15 20.02 17.55
N GLN D 35 14.16 20.07 16.64
CA GLN D 35 13.83 21.33 15.98
C GLN D 35 13.12 22.29 16.93
N HIS D 36 12.34 21.77 17.87
CA HIS D 36 11.70 22.63 18.86
C HIS D 36 12.70 23.10 19.92
N LEU D 37 13.67 22.25 20.28
CA LEU D 37 14.62 22.61 21.30
C LEU D 37 15.69 23.59 20.80
N GLN D 38 16.17 23.39 19.57
CA GLN D 38 17.30 24.10 19.00
C GLN D 38 18.45 24.13 20.00
N PRO D 39 19.07 23.00 20.30
CA PRO D 39 20.15 22.98 21.28
C PRO D 39 21.44 23.55 20.71
N THR D 40 22.25 24.10 21.61
CA THR D 40 23.57 24.61 21.31
C THR D 40 24.59 23.90 22.18
N ALA D 41 25.87 24.20 21.95
CA ALA D 41 26.92 23.58 22.75
C ALA D 41 26.88 24.04 24.21
N GLU D 42 26.26 25.17 24.49
CA GLU D 42 26.24 25.72 25.84
C GLU D 42 25.00 25.32 26.63
N ASN D 43 23.95 24.85 25.97
CA ASN D 43 22.72 24.43 26.66
C ASN D 43 22.36 22.98 26.43
N ALA D 44 23.21 22.20 25.75
CA ALA D 44 22.86 20.82 25.44
C ALA D 44 22.75 19.96 26.69
N TYR D 45 23.73 20.08 27.59
CA TYR D 45 23.68 19.27 28.81
C TYR D 45 22.60 19.75 29.77
N GLU D 46 22.29 21.05 29.75
CA GLU D 46 21.17 21.55 30.53
C GLU D 46 19.85 20.97 30.04
N TYR D 47 19.64 20.97 28.72
CA TYR D 47 18.42 20.41 28.15
C TYR D 47 18.31 18.92 28.44
N PHE D 48 19.40 18.18 28.26
CA PHE D 48 19.37 16.74 28.50
C PHE D 48 19.02 16.42 29.94
N THR D 49 19.53 17.20 30.89
CA THR D 49 19.27 16.92 32.30
C THR D 49 17.83 17.21 32.67
N LYS D 50 17.27 18.32 32.16
CA LYS D 50 15.87 18.63 32.46
C LYS D 50 14.94 17.64 31.76
N ILE D 51 15.29 17.22 30.54
CA ILE D 51 14.49 16.24 29.82
C ILE D 51 14.48 14.91 30.57
N ALA D 52 15.66 14.47 31.01
CA ALA D 52 15.74 13.23 31.78
C ALA D 52 14.97 13.33 33.09
N THR D 53 15.06 14.50 33.74
CA THR D 53 14.28 14.71 34.97
C THR D 53 12.79 14.63 34.68
N SER D 54 12.35 15.31 33.62
CA SER D 54 10.95 15.25 33.22
C SER D 54 10.54 13.83 32.83
N LEU D 55 11.44 13.10 32.17
CA LEU D 55 11.13 11.75 31.71
C LEU D 55 10.88 10.80 32.88
N PHE D 56 11.74 10.83 33.89
CA PHE D 56 11.71 9.85 34.96
C PHE D 56 10.72 10.19 36.07
N GLU D 57 10.00 11.30 35.96
CA GLU D 57 8.97 11.64 36.95
C GLU D 57 7.79 10.69 36.88
N SER D 58 7.60 9.97 35.77
CA SER D 58 6.48 9.06 35.60
C SER D 58 6.89 7.59 35.65
N GLY D 59 8.13 7.30 36.02
CA GLY D 59 8.61 5.93 36.11
C GLY D 59 9.87 5.73 35.28
N ILE D 60 10.43 4.54 35.44
CA ILE D 60 11.65 4.16 34.74
C ILE D 60 11.58 2.68 34.36
N ASN D 61 11.92 2.37 33.11
CA ASN D 61 12.15 1.00 32.67
C ASN D 61 13.23 1.04 31.61
N TRP D 62 13.69 -0.14 31.20
CA TRP D 62 14.79 -0.20 30.24
C TRP D 62 14.42 0.45 28.91
N GLY D 63 13.12 0.46 28.57
CA GLY D 63 12.70 1.15 27.37
C GLY D 63 12.89 2.65 27.46
N ARG D 64 12.55 3.24 28.61
CA ARG D 64 12.75 4.67 28.81
C ARG D 64 14.24 5.03 28.83
N VAL D 65 15.08 4.13 29.36
CA VAL D 65 16.50 4.43 29.46
C VAL D 65 17.13 4.46 28.07
N VAL D 66 16.89 3.43 27.25
CA VAL D 66 17.51 3.39 25.94
C VAL D 66 16.91 4.45 25.02
N ALA D 67 15.67 4.87 25.27
CA ALA D 67 15.11 5.98 24.51
C ALA D 67 15.82 7.28 24.85
N LEU D 68 16.11 7.49 26.13
CA LEU D 68 16.85 8.68 26.53
C LEU D 68 18.28 8.65 25.99
N LEU D 69 18.89 7.45 25.94
CA LEU D 69 20.23 7.32 25.37
C LEU D 69 20.22 7.59 23.87
N GLY D 70 19.24 7.04 23.16
CA GLY D 70 19.14 7.30 21.74
C GLY D 70 18.90 8.77 21.44
N PHE D 71 18.05 9.43 22.23
CA PHE D 71 17.83 10.86 22.05
C PHE D 71 19.06 11.66 22.43
N GLY D 72 19.76 11.25 23.49
CA GLY D 72 20.99 11.93 23.86
C GLY D 72 22.06 11.85 22.78
N TYR D 73 22.13 10.70 22.10
CA TYR D 73 23.06 10.56 20.98
C TYR D 73 22.69 11.52 19.85
N ARG D 74 21.41 11.52 19.46
CA ARG D 74 20.96 12.44 18.41
C ARG D 74 21.13 13.90 18.84
N LEU D 75 21.01 14.17 20.13
CA LEU D 75 21.23 15.52 20.66
C LEU D 75 22.69 15.93 20.48
N ALA D 76 23.62 15.13 21.00
CA ALA D 76 25.04 15.46 20.88
C ALA D 76 25.47 15.50 19.42
N LEU D 77 24.92 14.60 18.59
CA LEU D 77 25.26 14.60 17.17
C LEU D 77 24.72 15.83 16.48
N HIS D 78 23.57 16.33 16.94
CA HIS D 78 23.00 17.54 16.35
C HIS D 78 23.89 18.75 16.60
N VAL D 79 24.39 18.91 17.82
CA VAL D 79 25.23 20.05 18.16
C VAL D 79 26.60 19.90 17.51
N TYR D 80 27.16 18.70 17.52
CA TYR D 80 28.49 18.47 16.95
C TYR D 80 28.53 18.83 15.48
N GLN D 81 27.46 18.56 14.74
CA GLN D 81 27.44 18.78 13.31
C GLN D 81 27.12 20.21 12.93
N HIS D 82 26.59 21.01 13.85
CA HIS D 82 26.28 22.41 13.57
C HIS D 82 27.32 23.34 14.18
N SER E 6 11.76 -3.82 -2.66
CA SER E 6 11.75 -4.32 -4.02
C SER E 6 12.41 -5.71 -4.11
N THR E 7 13.51 -5.89 -3.39
CA THR E 7 14.17 -7.19 -3.38
C THR E 7 13.40 -8.17 -2.51
N MET E 8 13.68 -9.46 -2.73
CA MET E 8 13.03 -10.49 -1.92
C MET E 8 13.46 -10.42 -0.46
N GLY E 9 14.68 -9.94 -0.19
CA GLY E 9 15.12 -9.82 1.19
C GLY E 9 14.35 -8.76 1.95
N GLN E 10 14.12 -7.60 1.31
CA GLN E 10 13.33 -6.56 1.94
C GLN E 10 11.91 -7.02 2.22
N VAL E 11 11.30 -7.72 1.25
CA VAL E 11 9.93 -8.20 1.42
C VAL E 11 9.85 -9.19 2.58
N GLY E 12 10.84 -10.09 2.68
CA GLY E 12 10.84 -11.05 3.79
C GLY E 12 11.00 -10.37 5.14
N ARG E 13 11.88 -9.39 5.22
CA ARG E 13 12.07 -8.66 6.47
C ARG E 13 10.84 -7.84 6.84
N GLN E 14 10.09 -7.34 5.84
CA GLN E 14 8.85 -6.64 6.16
C GLN E 14 7.78 -7.62 6.65
N LEU E 15 7.76 -8.84 6.11
CA LEU E 15 6.87 -9.86 6.63
C LEU E 15 7.23 -10.25 8.05
N ALA E 16 8.51 -10.14 8.41
CA ALA E 16 8.91 -10.42 9.79
C ALA E 16 8.30 -9.38 10.74
N ILE E 17 8.32 -8.11 10.34
CA ILE E 17 7.70 -7.05 11.14
C ILE E 17 6.21 -7.30 11.29
N ILE E 18 5.55 -7.68 10.19
CA ILE E 18 4.10 -7.89 10.22
C ILE E 18 3.76 -9.11 11.06
N GLY E 19 4.52 -10.20 10.90
CA GLY E 19 4.27 -11.40 11.68
C GLY E 19 4.55 -11.22 13.16
N ASP E 20 5.59 -10.45 13.50
CA ASP E 20 5.85 -10.16 14.91
C ASP E 20 4.78 -9.26 15.51
N ASP E 21 4.20 -8.38 14.69
CA ASP E 21 3.13 -7.52 15.16
C ASP E 21 1.82 -8.30 15.31
N ILE E 22 1.55 -9.25 14.41
CA ILE E 22 0.41 -10.13 14.56
C ILE E 22 0.55 -10.97 15.83
N ASN E 23 1.74 -11.49 16.07
CA ASN E 23 1.96 -12.32 17.25
C ASN E 23 1.82 -11.50 18.53
N ARG E 24 2.28 -10.25 18.51
CA ARG E 24 2.28 -9.43 19.72
C ARG E 24 0.88 -8.91 20.04
N ARG E 25 0.02 -8.78 19.03
CA ARG E 25 -1.28 -8.16 19.24
C ARG E 25 -2.37 -9.14 19.68
N TYR E 26 -2.26 -10.41 19.30
CA TYR E 26 -3.36 -11.35 19.49
C TYR E 26 -2.98 -12.62 20.24
N ASP E 27 -1.70 -12.82 20.57
CA ASP E 27 -1.32 -14.03 21.30
C ASP E 27 -1.95 -14.06 22.68
N SER E 28 -1.80 -12.97 23.45
CA SER E 28 -2.43 -12.91 24.76
C SER E 28 -3.94 -13.02 24.66
N GLU E 29 -4.52 -12.58 23.54
CA GLU E 29 -5.96 -12.74 23.36
C GLU E 29 -6.32 -14.21 23.11
N PHE E 30 -5.48 -14.93 22.36
CA PHE E 30 -5.67 -16.36 22.20
C PHE E 30 -5.54 -17.07 23.55
N GLN E 31 -4.58 -16.65 24.37
CA GLN E 31 -4.39 -17.25 25.68
C GLN E 31 -5.64 -17.10 26.55
N THR E 32 -6.22 -15.89 26.57
CA THR E 32 -7.40 -15.63 27.38
C THR E 32 -8.60 -16.44 26.90
N MET E 33 -8.80 -16.52 25.57
CA MET E 33 -9.92 -17.29 25.05
C MET E 33 -9.78 -18.77 25.39
N LEU E 34 -8.56 -19.30 25.35
CA LEU E 34 -8.34 -20.69 25.69
C LEU E 34 -8.49 -20.95 27.19
N GLN E 35 -8.14 -19.97 28.02
CA GLN E 35 -8.38 -20.12 29.46
C GLN E 35 -9.86 -20.17 29.76
N HIS E 36 -10.68 -19.39 29.04
CA HIS E 36 -12.11 -19.41 29.26
C HIS E 36 -12.77 -20.65 28.65
N LEU E 37 -12.23 -21.15 27.54
CA LEU E 37 -12.81 -22.34 26.93
C LEU E 37 -12.55 -23.58 27.77
N GLN E 38 -11.39 -23.65 28.43
CA GLN E 38 -10.96 -24.84 29.16
C GLN E 38 -11.09 -26.10 28.29
N PRO E 39 -10.41 -26.15 27.15
CA PRO E 39 -10.58 -27.30 26.26
C PRO E 39 -9.79 -28.50 26.73
N THR E 40 -10.30 -29.68 26.37
CA THR E 40 -9.64 -30.95 26.62
C THR E 40 -9.44 -31.68 25.28
N ALA E 41 -8.81 -32.85 25.34
CA ALA E 41 -8.55 -33.62 24.13
C ALA E 41 -9.84 -34.13 23.48
N GLU E 42 -10.92 -34.31 24.24
CA GLU E 42 -12.14 -34.86 23.68
C GLU E 42 -13.05 -33.80 23.06
N ASN E 43 -12.97 -32.56 23.51
CA ASN E 43 -13.82 -31.49 22.98
C ASN E 43 -13.04 -30.42 22.24
N ALA E 44 -11.74 -30.62 22.02
CA ALA E 44 -10.94 -29.59 21.34
C ALA E 44 -11.38 -29.42 19.90
N TYR E 45 -11.48 -30.52 19.16
CA TYR E 45 -11.93 -30.44 17.77
C TYR E 45 -13.39 -30.06 17.68
N GLU E 46 -14.22 -30.50 18.64
CA GLU E 46 -15.62 -30.09 18.64
C GLU E 46 -15.75 -28.59 18.88
N TYR E 47 -14.98 -28.04 19.82
CA TYR E 47 -14.99 -26.61 20.04
C TYR E 47 -14.52 -25.87 18.79
N PHE E 48 -13.43 -26.33 18.18
CA PHE E 48 -12.87 -25.66 17.00
C PHE E 48 -13.89 -25.60 15.86
N THR E 49 -14.67 -26.67 15.69
CA THR E 49 -15.66 -26.67 14.61
C THR E 49 -16.81 -25.72 14.90
N LYS E 50 -17.20 -25.59 16.17
CA LYS E 50 -18.24 -24.63 16.53
C LYS E 50 -17.72 -23.20 16.44
N ILE E 51 -16.46 -22.98 16.82
CA ILE E 51 -15.86 -21.66 16.72
C ILE E 51 -15.72 -21.25 15.26
N ALA E 52 -15.37 -22.20 14.39
CA ALA E 52 -15.21 -21.88 12.97
C ALA E 52 -16.54 -21.50 12.34
N THR E 53 -17.63 -22.20 12.70
CA THR E 53 -18.94 -21.85 12.19
C THR E 53 -19.35 -20.45 12.62
N SER E 54 -19.16 -20.14 13.91
CA SER E 54 -19.50 -18.81 14.42
C SER E 54 -18.64 -17.73 13.76
N LEU E 55 -17.37 -18.04 13.50
CA LEU E 55 -16.48 -17.05 12.89
C LEU E 55 -16.95 -16.68 11.49
N PHE E 56 -17.31 -17.67 10.68
CA PHE E 56 -17.61 -17.44 9.28
C PHE E 56 -19.08 -17.09 9.03
N GLU E 57 -19.85 -16.85 10.09
CA GLU E 57 -21.25 -16.43 9.90
C GLU E 57 -21.34 -15.05 9.26
N SER E 58 -20.31 -14.21 9.44
CA SER E 58 -20.36 -12.83 9.01
C SER E 58 -19.51 -12.55 7.78
N GLY E 59 -19.01 -13.58 7.12
CA GLY E 59 -18.17 -13.43 5.94
C GLY E 59 -16.83 -14.11 6.11
N ILE E 60 -16.06 -14.10 5.04
CA ILE E 60 -14.77 -14.77 5.00
C ILE E 60 -13.76 -13.89 4.26
N ASN E 61 -12.56 -13.76 4.84
CA ASN E 61 -11.43 -13.14 4.18
C ASN E 61 -10.16 -13.81 4.69
N TRP E 62 -9.03 -13.48 4.05
CA TRP E 62 -7.79 -14.14 4.43
C TRP E 62 -7.40 -13.84 5.87
N GLY E 63 -7.73 -12.64 6.36
CA GLY E 63 -7.47 -12.33 7.75
C GLY E 63 -8.23 -13.24 8.70
N ARG E 64 -9.51 -13.50 8.40
CA ARG E 64 -10.28 -14.42 9.22
C ARG E 64 -9.74 -15.85 9.14
N VAL E 65 -9.21 -16.25 7.99
CA VAL E 65 -8.67 -17.59 7.84
C VAL E 65 -7.38 -17.74 8.65
N VAL E 66 -6.44 -16.81 8.47
CA VAL E 66 -5.18 -16.91 9.19
C VAL E 66 -5.39 -16.76 10.68
N ALA E 67 -6.42 -16.01 11.10
CA ALA E 67 -6.75 -15.93 12.52
C ALA E 67 -7.21 -17.27 13.06
N LEU E 68 -7.99 -18.01 12.27
CA LEU E 68 -8.43 -19.34 12.69
C LEU E 68 -7.26 -20.33 12.67
N LEU E 69 -6.36 -20.21 11.70
CA LEU E 69 -5.19 -21.08 11.65
C LEU E 69 -4.29 -20.86 12.87
N GLY E 70 -4.05 -19.60 13.22
CA GLY E 70 -3.23 -19.32 14.40
C GLY E 70 -3.90 -19.78 15.68
N PHE E 71 -5.21 -19.55 15.80
CA PHE E 71 -5.93 -19.99 16.99
C PHE E 71 -5.95 -21.50 17.09
N GLY E 72 -6.24 -22.19 15.98
CA GLY E 72 -6.23 -23.65 15.97
C GLY E 72 -4.88 -24.24 16.33
N TYR E 73 -3.79 -23.56 15.96
CA TYR E 73 -2.46 -23.99 16.40
C TYR E 73 -2.31 -23.79 17.90
N ARG E 74 -2.71 -22.63 18.41
CA ARG E 74 -2.66 -22.40 19.85
C ARG E 74 -3.61 -23.31 20.61
N LEU E 75 -4.73 -23.67 19.98
CA LEU E 75 -5.65 -24.63 20.60
C LEU E 75 -5.02 -26.01 20.71
N ALA E 76 -4.49 -26.53 19.59
CA ALA E 76 -3.83 -27.83 19.62
C ALA E 76 -2.63 -27.82 20.56
N LEU E 77 -1.89 -26.72 20.59
CA LEU E 77 -0.74 -26.62 21.48
C LEU E 77 -1.19 -26.56 22.95
N HIS E 78 -2.36 -25.96 23.21
CA HIS E 78 -2.83 -25.84 24.58
C HIS E 78 -3.26 -27.18 25.14
N VAL E 79 -3.99 -27.97 24.34
CA VAL E 79 -4.44 -29.29 24.78
C VAL E 79 -3.26 -30.22 24.96
N TYR E 80 -2.24 -30.11 24.10
CA TYR E 80 -1.09 -31.01 24.19
C TYR E 80 -0.28 -30.77 25.44
N GLN E 81 -0.09 -29.50 25.82
CA GLN E 81 0.78 -29.19 26.94
C GLN E 81 0.10 -29.37 28.29
N HIS E 82 -1.21 -29.18 28.36
CA HIS E 82 -1.94 -29.33 29.62
C HIS E 82 -2.44 -30.74 29.85
N GLY E 83 -1.98 -31.71 29.08
CA GLY E 83 -2.30 -33.10 29.30
C GLY E 83 -1.08 -33.91 29.65
N LEU E 84 0.10 -33.29 29.56
CA LEU E 84 1.35 -33.94 29.93
C LEU E 84 1.49 -34.00 31.45
N SER F 6 -16.35 -17.32 27.46
CA SER F 6 -17.77 -17.67 27.40
C SER F 6 -18.03 -18.79 26.39
N THR F 7 -19.07 -18.60 25.58
CA THR F 7 -19.48 -19.64 24.65
C THR F 7 -18.51 -19.71 23.47
N MET F 8 -18.69 -20.76 22.66
CA MET F 8 -17.96 -20.86 21.39
C MET F 8 -18.36 -19.73 20.43
N GLY F 9 -19.58 -19.22 20.56
CA GLY F 9 -20.00 -18.14 19.69
C GLY F 9 -19.25 -16.84 19.97
N GLN F 10 -19.01 -16.55 21.25
CA GLN F 10 -18.24 -15.37 21.61
C GLN F 10 -16.81 -15.46 21.09
N VAL F 11 -16.21 -16.65 21.18
CA VAL F 11 -14.84 -16.83 20.74
C VAL F 11 -14.74 -16.69 19.22
N GLY F 12 -15.68 -17.29 18.49
CA GLY F 12 -15.68 -17.17 17.05
C GLY F 12 -15.87 -15.74 16.58
N ARG F 13 -16.75 -15.00 17.25
CA ARG F 13 -16.98 -13.59 16.89
C ARG F 13 -15.77 -12.74 17.22
N GLN F 14 -15.02 -13.09 18.26
CA GLN F 14 -13.79 -12.36 18.56
C GLN F 14 -12.70 -12.64 17.53
N LEU F 15 -12.64 -13.87 17.01
CA LEU F 15 -11.72 -14.17 15.92
C LEU F 15 -12.12 -13.45 14.63
N ALA F 16 -13.41 -13.15 14.48
CA ALA F 16 -13.84 -12.32 13.36
C ALA F 16 -13.36 -10.88 13.53
N ILE F 17 -13.39 -10.37 14.76
CA ILE F 17 -12.82 -9.06 15.05
C ILE F 17 -11.33 -9.05 14.75
N ILE F 18 -10.62 -10.07 15.23
CA ILE F 18 -9.17 -10.16 15.03
C ILE F 18 -8.85 -10.32 13.54
N GLY F 19 -9.58 -11.22 12.86
CA GLY F 19 -9.33 -11.42 11.44
C GLY F 19 -9.60 -10.19 10.60
N ASP F 20 -10.70 -9.49 10.89
CA ASP F 20 -10.98 -8.25 10.18
C ASP F 20 -9.96 -7.16 10.52
N ASP F 21 -9.36 -7.23 11.72
CA ASP F 21 -8.33 -6.28 12.09
C ASP F 21 -7.03 -6.57 11.37
N ILE F 22 -6.67 -7.85 11.27
CA ILE F 22 -5.50 -8.23 10.49
C ILE F 22 -5.67 -7.83 9.03
N ASN F 23 -6.85 -8.11 8.47
CA ASN F 23 -7.09 -7.77 7.07
C ASN F 23 -6.94 -6.28 6.81
N ARG F 24 -7.46 -5.45 7.71
CA ARG F 24 -7.42 -4.00 7.50
C ARG F 24 -6.05 -3.39 7.77
N ARG F 25 -5.23 -4.02 8.62
CA ARG F 25 -3.93 -3.45 8.95
C ARG F 25 -2.86 -3.77 7.91
N TYR F 26 -3.00 -4.88 7.19
CA TYR F 26 -1.90 -5.37 6.38
C TYR F 26 -2.22 -5.63 4.92
N ASP F 27 -3.50 -5.69 4.53
CA ASP F 27 -3.81 -6.00 3.14
C ASP F 27 -3.29 -4.92 2.20
N SER F 28 -3.43 -3.65 2.60
CA SER F 28 -2.91 -2.56 1.79
C SER F 28 -1.40 -2.67 1.63
N GLU F 29 -0.70 -3.13 2.68
CA GLU F 29 0.74 -3.32 2.54
C GLU F 29 1.05 -4.52 1.65
N PHE F 30 0.29 -5.61 1.77
CA PHE F 30 0.45 -6.73 0.86
C PHE F 30 0.18 -6.29 -0.58
N GLN F 31 -0.85 -5.48 -0.79
CA GLN F 31 -1.15 -4.95 -2.12
C GLN F 31 0.05 -4.19 -2.68
N THR F 32 0.74 -3.40 -1.84
CA THR F 32 1.85 -2.60 -2.30
C THR F 32 3.10 -3.44 -2.55
N MET F 33 3.38 -4.39 -1.66
CA MET F 33 4.54 -5.26 -1.87
C MET F 33 4.38 -6.05 -3.17
N LEU F 34 3.15 -6.47 -3.49
CA LEU F 34 2.94 -7.24 -4.71
C LEU F 34 3.13 -6.36 -5.95
N GLN F 35 2.74 -5.09 -5.87
CA GLN F 35 2.91 -4.18 -7.00
C GLN F 35 4.38 -3.93 -7.30
N HIS F 36 5.23 -3.93 -6.28
CA HIS F 36 6.66 -3.74 -6.50
C HIS F 36 7.36 -5.02 -6.93
N LEU F 37 6.86 -6.18 -6.47
CA LEU F 37 7.49 -7.45 -6.84
C LEU F 37 7.25 -7.81 -8.29
N GLN F 38 6.12 -7.40 -8.85
CA GLN F 38 5.69 -7.80 -10.19
C GLN F 38 5.80 -9.31 -10.38
N PRO F 39 5.03 -10.10 -9.62
CA PRO F 39 5.14 -11.55 -9.75
C PRO F 39 4.37 -12.06 -10.95
N THR F 40 4.96 -13.05 -11.62
CA THR F 40 4.34 -13.68 -12.76
C THR F 40 4.14 -15.16 -12.49
N ALA F 41 3.48 -15.85 -13.43
CA ALA F 41 3.28 -17.28 -13.28
C ALA F 41 4.57 -18.06 -13.36
N GLU F 42 5.67 -17.39 -13.70
CA GLU F 42 6.97 -18.05 -13.86
C GLU F 42 7.95 -17.79 -12.72
N ASN F 43 7.76 -16.73 -11.95
CA ASN F 43 8.68 -16.42 -10.86
C ASN F 43 8.00 -16.44 -9.49
N ALA F 44 6.74 -16.88 -9.41
CA ALA F 44 5.99 -16.78 -8.17
C ALA F 44 6.56 -17.71 -7.10
N TYR F 45 6.73 -19.00 -7.43
CA TYR F 45 7.26 -19.94 -6.44
C TYR F 45 8.71 -19.62 -6.10
N GLU F 46 9.47 -19.12 -7.08
CA GLU F 46 10.82 -18.64 -6.79
C GLU F 46 10.80 -17.48 -5.81
N TYR F 47 9.94 -16.49 -6.07
CA TYR F 47 9.82 -15.35 -5.17
C TYR F 47 9.37 -15.79 -3.78
N PHE F 48 8.34 -16.62 -3.72
CA PHE F 48 7.78 -17.03 -2.43
C PHE F 48 8.81 -17.79 -1.61
N THR F 49 9.64 -18.62 -2.26
CA THR F 49 10.63 -19.38 -1.51
C THR F 49 11.76 -18.48 -0.99
N LYS F 50 12.21 -17.53 -1.81
CA LYS F 50 13.25 -16.62 -1.35
C LYS F 50 12.72 -15.67 -0.27
N ILE F 51 11.46 -15.26 -0.39
CA ILE F 51 10.86 -14.39 0.61
C ILE F 51 10.73 -15.11 1.95
N ALA F 52 10.28 -16.36 1.92
CA ALA F 52 10.14 -17.13 3.16
C ALA F 52 11.49 -17.39 3.81
N THR F 53 12.51 -17.68 3.00
CA THR F 53 13.85 -17.88 3.54
C THR F 53 14.36 -16.62 4.22
N SER F 54 14.13 -15.46 3.59
CA SER F 54 14.48 -14.19 4.20
C SER F 54 13.70 -13.95 5.49
N LEU F 55 12.41 -14.30 5.49
CA LEU F 55 11.56 -14.04 6.65
C LEU F 55 11.98 -14.89 7.85
N PHE F 56 12.21 -16.19 7.64
CA PHE F 56 12.53 -17.11 8.73
C PHE F 56 13.98 -17.00 9.18
N GLU F 57 14.81 -16.20 8.52
CA GLU F 57 16.21 -16.07 8.91
C GLU F 57 16.38 -15.42 10.28
N SER F 58 15.37 -14.68 10.75
CA SER F 58 15.42 -14.00 12.03
C SER F 58 14.56 -14.67 13.09
N GLY F 59 14.10 -15.89 12.86
CA GLY F 59 13.27 -16.60 13.81
C GLY F 59 11.94 -17.00 13.20
N ILE F 60 11.19 -17.79 13.98
CA ILE F 60 9.90 -18.28 13.55
C ILE F 60 8.92 -18.28 14.72
N ASN F 61 7.71 -17.78 14.47
CA ASN F 61 6.57 -17.92 15.38
C ASN F 61 5.32 -18.04 14.52
N TRP F 62 4.19 -18.35 15.18
CA TRP F 62 2.95 -18.57 14.44
C TRP F 62 2.50 -17.29 13.74
N GLY F 63 2.86 -16.12 14.27
CA GLY F 63 2.53 -14.89 13.58
C GLY F 63 3.25 -14.75 12.25
N ARG F 64 4.51 -15.19 12.19
CA ARG F 64 5.26 -15.12 10.94
C ARG F 64 4.77 -16.16 9.94
N VAL F 65 4.28 -17.29 10.41
CA VAL F 65 3.78 -18.32 9.50
C VAL F 65 2.49 -17.84 8.83
N VAL F 66 1.51 -17.40 9.62
CA VAL F 66 0.24 -16.99 9.03
C VAL F 66 0.40 -15.74 8.18
N ALA F 67 1.37 -14.87 8.52
CA ALA F 67 1.62 -13.71 7.67
C ALA F 67 2.15 -14.13 6.30
N LEU F 68 3.02 -15.15 6.28
CA LEU F 68 3.51 -15.68 5.02
C LEU F 68 2.40 -16.35 4.22
N LEU F 69 1.51 -17.08 4.92
CA LEU F 69 0.39 -17.72 4.23
C LEU F 69 -0.58 -16.69 3.68
N GLY F 70 -0.83 -15.62 4.43
CA GLY F 70 -1.67 -14.55 3.92
C GLY F 70 -1.07 -13.88 2.70
N PHE F 71 0.24 -13.58 2.75
CA PHE F 71 0.91 -12.98 1.61
C PHE F 71 1.00 -13.97 0.45
N GLY F 72 1.33 -15.23 0.74
CA GLY F 72 1.40 -16.23 -0.32
C GLY F 72 0.05 -16.44 -1.00
N TYR F 73 -1.03 -16.37 -0.24
CA TYR F 73 -2.37 -16.44 -0.83
C TYR F 73 -2.65 -15.23 -1.70
N ARG F 74 -2.32 -14.03 -1.23
CA ARG F 74 -2.50 -12.85 -2.05
C ARG F 74 -1.57 -12.88 -3.25
N LEU F 75 -0.39 -13.48 -3.10
CA LEU F 75 0.54 -13.65 -4.21
C LEU F 75 -0.05 -14.55 -5.29
N ALA F 76 -0.47 -15.77 -4.90
CA ALA F 76 -1.07 -16.69 -5.86
C ALA F 76 -2.31 -16.09 -6.50
N LEU F 77 -3.12 -15.38 -5.71
CA LEU F 77 -4.34 -14.79 -6.23
C LEU F 77 -4.05 -13.64 -7.19
N HIS F 78 -2.95 -12.92 -6.97
CA HIS F 78 -2.60 -11.83 -7.88
C HIS F 78 -2.21 -12.36 -9.25
N VAL F 79 -1.42 -13.43 -9.29
CA VAL F 79 -1.01 -14.02 -10.56
C VAL F 79 -2.18 -14.70 -11.24
N TYR F 80 -3.02 -15.39 -10.47
CA TYR F 80 -4.14 -16.13 -11.07
C TYR F 80 -5.18 -15.19 -11.67
N GLN F 81 -5.57 -14.15 -10.93
CA GLN F 81 -6.66 -13.28 -11.37
C GLN F 81 -6.27 -12.38 -12.53
N HIS F 82 -4.97 -12.21 -12.82
CA HIS F 82 -4.49 -11.22 -13.78
C HIS F 82 -3.80 -11.85 -14.99
N GLY F 83 -3.95 -13.16 -15.18
CA GLY F 83 -3.29 -13.88 -16.26
C GLY F 83 -1.81 -13.58 -16.20
N LEU F 84 -1.17 -13.99 -15.10
CA LEU F 84 0.20 -13.63 -14.75
C LEU F 84 0.49 -12.15 -14.88
N SER G 5 -24.59 0.03 -8.04
CA SER G 5 -25.72 -0.63 -8.67
C SER G 5 -25.71 -2.12 -8.36
N SER G 6 -26.54 -2.88 -9.05
CA SER G 6 -26.63 -4.32 -8.85
C SER G 6 -25.34 -4.99 -9.32
N THR G 7 -25.28 -6.31 -9.15
CA THR G 7 -24.09 -7.05 -9.55
C THR G 7 -23.87 -6.97 -11.06
N MET G 8 -24.94 -6.74 -11.84
CA MET G 8 -24.75 -6.47 -13.27
C MET G 8 -24.16 -5.10 -13.50
N GLY G 9 -24.49 -4.13 -12.65
CA GLY G 9 -23.89 -2.82 -12.76
C GLY G 9 -22.40 -2.81 -12.48
N GLN G 10 -21.94 -3.66 -11.55
CA GLN G 10 -20.51 -3.76 -11.29
C GLN G 10 -19.79 -4.33 -12.50
N VAL G 11 -20.33 -5.39 -13.10
CA VAL G 11 -19.69 -6.02 -14.25
C VAL G 11 -19.68 -5.07 -15.44
N GLY G 12 -20.77 -4.35 -15.66
CA GLY G 12 -20.81 -3.40 -16.76
C GLY G 12 -19.82 -2.26 -16.60
N ARG G 13 -19.64 -1.79 -15.36
CA ARG G 13 -18.66 -0.75 -15.12
C ARG G 13 -17.24 -1.29 -15.19
N GLN G 14 -17.04 -2.56 -14.85
CA GLN G 14 -15.72 -3.18 -15.02
C GLN G 14 -15.40 -3.38 -16.51
N LEU G 15 -16.41 -3.69 -17.32
CA LEU G 15 -16.17 -3.80 -18.75
C LEU G 15 -15.85 -2.44 -19.36
N ALA G 16 -16.40 -1.37 -18.79
CA ALA G 16 -16.07 -0.02 -19.27
C ALA G 16 -14.60 0.30 -19.04
N ILE G 17 -14.06 -0.11 -17.90
CA ILE G 17 -12.63 0.06 -17.65
C ILE G 17 -11.82 -0.75 -18.65
N ILE G 18 -12.22 -2.00 -18.88
CA ILE G 18 -11.51 -2.87 -19.82
C ILE G 18 -11.64 -2.33 -21.24
N GLY G 19 -12.85 -1.90 -21.62
CA GLY G 19 -13.03 -1.36 -22.96
C GLY G 19 -12.24 -0.09 -23.20
N ASP G 20 -12.22 0.81 -22.20
CA ASP G 20 -11.41 2.02 -22.33
C ASP G 20 -9.92 1.71 -22.34
N ASP G 21 -9.52 0.63 -21.65
CA ASP G 21 -8.12 0.22 -21.68
C ASP G 21 -7.75 -0.36 -23.05
N ILE G 22 -8.65 -1.15 -23.63
CA ILE G 22 -8.39 -1.67 -24.98
C ILE G 22 -8.27 -0.52 -25.98
N ASN G 23 -9.16 0.46 -25.87
CA ASN G 23 -9.11 1.60 -26.79
C ASN G 23 -7.83 2.40 -26.60
N ARG G 24 -7.43 2.65 -25.35
CA ARG G 24 -6.25 3.46 -25.09
C ARG G 24 -4.97 2.76 -25.54
N ARG G 25 -4.93 1.43 -25.53
CA ARG G 25 -3.71 0.71 -25.81
C ARG G 25 -3.43 0.48 -27.28
N TYR G 26 -4.47 0.31 -28.10
CA TYR G 26 -4.26 -0.16 -29.47
C TYR G 26 -4.80 0.76 -30.55
N ASP G 27 -5.61 1.76 -30.22
CA ASP G 27 -6.17 2.63 -31.24
C ASP G 27 -5.07 3.36 -32.00
N SER G 28 -4.10 3.93 -31.29
CA SER G 28 -2.99 4.61 -31.95
C SER G 28 -2.21 3.63 -32.82
N GLU G 29 -2.04 2.38 -32.36
CA GLU G 29 -1.37 1.38 -33.18
C GLU G 29 -2.17 1.06 -34.44
N PHE G 30 -3.50 1.07 -34.34
CA PHE G 30 -4.33 0.86 -35.52
C PHE G 30 -4.12 1.97 -36.55
N GLN G 31 -3.99 3.22 -36.08
CA GLN G 31 -3.79 4.32 -37.00
C GLN G 31 -2.41 4.27 -37.65
N THR G 32 -1.40 3.78 -36.93
CA THR G 32 -0.08 3.61 -37.55
C THR G 32 -0.11 2.53 -38.61
N MET G 33 -0.86 1.45 -38.38
CA MET G 33 -0.99 0.41 -39.39
C MET G 33 -1.75 0.91 -40.62
N LEU G 34 -2.80 1.72 -40.40
CA LEU G 34 -3.58 2.22 -41.51
C LEU G 34 -2.83 3.25 -42.32
N GLN G 35 -2.01 4.08 -41.66
CA GLN G 35 -1.22 5.06 -42.40
C GLN G 35 -0.11 4.37 -43.20
N HIS G 36 0.42 3.27 -42.70
CA HIS G 36 1.42 2.52 -43.46
C HIS G 36 0.80 1.79 -44.64
N LEU G 37 -0.43 1.28 -44.45
CA LEU G 37 -1.09 0.54 -45.52
C LEU G 37 -1.66 1.45 -46.60
N GLN G 38 -2.09 2.65 -46.24
CA GLN G 38 -2.75 3.58 -47.16
C GLN G 38 -3.87 2.89 -47.94
N PRO G 39 -4.91 2.41 -47.28
CA PRO G 39 -5.96 1.68 -47.99
C PRO G 39 -6.93 2.61 -48.70
N THR G 40 -7.48 2.11 -49.80
CA THR G 40 -8.51 2.81 -50.58
C THR G 40 -9.74 1.92 -50.70
N ALA G 41 -10.78 2.45 -51.35
CA ALA G 41 -12.03 1.72 -51.50
C ALA G 41 -11.88 0.48 -52.37
N GLU G 42 -10.88 0.44 -53.26
CA GLU G 42 -10.74 -0.68 -54.17
C GLU G 42 -10.03 -1.86 -53.53
N ASN G 43 -9.11 -1.61 -52.60
CA ASN G 43 -8.31 -2.67 -51.99
C ASN G 43 -8.54 -2.83 -50.49
N ALA G 44 -9.53 -2.13 -49.93
CA ALA G 44 -9.75 -2.19 -48.48
C ALA G 44 -10.14 -3.60 -48.05
N TYR G 45 -11.18 -4.16 -48.67
CA TYR G 45 -11.60 -5.52 -48.31
C TYR G 45 -10.53 -6.54 -48.70
N GLU G 46 -9.87 -6.33 -49.83
CA GLU G 46 -8.78 -7.23 -50.21
C GLU G 46 -7.66 -7.20 -49.17
N TYR G 47 -7.29 -5.99 -48.70
CA TYR G 47 -6.31 -5.89 -47.63
C TYR G 47 -6.79 -6.58 -46.37
N PHE G 48 -8.07 -6.39 -46.02
CA PHE G 48 -8.61 -7.00 -44.81
C PHE G 48 -8.58 -8.52 -44.90
N THR G 49 -8.84 -9.07 -46.08
CA THR G 49 -8.82 -10.52 -46.24
C THR G 49 -7.42 -11.08 -46.12
N LYS G 50 -6.42 -10.37 -46.68
CA LYS G 50 -5.04 -10.80 -46.55
C LYS G 50 -4.54 -10.67 -45.11
N ILE G 51 -4.98 -9.63 -44.42
CA ILE G 51 -4.57 -9.43 -43.02
C ILE G 51 -5.19 -10.52 -42.14
N ALA G 52 -6.41 -10.95 -42.44
CA ALA G 52 -7.06 -11.96 -41.62
C ALA G 52 -6.37 -13.31 -41.74
N THR G 53 -5.89 -13.65 -42.95
CA THR G 53 -5.21 -14.94 -43.13
C THR G 53 -3.84 -14.93 -42.43
N SER G 54 -3.11 -13.83 -42.53
CA SER G 54 -1.84 -13.72 -41.82
C SER G 54 -2.05 -13.76 -40.31
N LEU G 55 -3.14 -13.16 -39.83
CA LEU G 55 -3.42 -13.13 -38.39
C LEU G 55 -3.75 -14.53 -37.87
N PHE G 56 -4.69 -15.22 -38.52
CA PHE G 56 -5.15 -16.52 -38.04
C PHE G 56 -4.23 -17.66 -38.46
N GLU G 57 -3.12 -17.37 -39.15
CA GLU G 57 -2.17 -18.42 -39.48
C GLU G 57 -1.56 -19.03 -38.22
N SER G 58 -1.41 -18.24 -37.16
CA SER G 58 -0.78 -18.68 -35.93
C SER G 58 -1.77 -19.05 -34.84
N GLY G 59 -3.04 -19.23 -35.19
CA GLY G 59 -4.07 -19.64 -34.25
C GLY G 59 -5.21 -18.64 -34.19
N ILE G 60 -6.21 -18.99 -33.38
CA ILE G 60 -7.40 -18.15 -33.22
C ILE G 60 -7.86 -18.21 -31.77
N ASN G 61 -8.11 -17.04 -31.19
CA ASN G 61 -8.76 -16.92 -29.90
C ASN G 61 -9.66 -15.69 -29.94
N TRP G 62 -10.44 -15.49 -28.88
CA TRP G 62 -11.38 -14.38 -28.88
C TRP G 62 -10.65 -13.05 -28.91
N GLY G 63 -9.42 -13.01 -28.37
CA GLY G 63 -8.64 -11.79 -28.46
C GLY G 63 -8.25 -11.44 -29.87
N ARG G 64 -7.87 -12.44 -30.66
CA ARG G 64 -7.55 -12.21 -32.07
C ARG G 64 -8.79 -11.82 -32.87
N VAL G 65 -9.97 -12.29 -32.44
CA VAL G 65 -11.20 -11.97 -33.15
C VAL G 65 -11.58 -10.51 -32.90
N VAL G 66 -11.56 -10.08 -31.64
CA VAL G 66 -11.92 -8.70 -31.33
C VAL G 66 -10.90 -7.73 -31.92
N ALA G 67 -9.62 -8.12 -31.96
CA ALA G 67 -8.59 -7.26 -32.53
C ALA G 67 -8.84 -7.04 -34.02
N LEU G 68 -9.25 -8.09 -34.73
CA LEU G 68 -9.57 -7.94 -36.15
C LEU G 68 -10.84 -7.14 -36.33
N LEU G 69 -11.85 -7.37 -35.48
CA LEU G 69 -13.08 -6.60 -35.55
C LEU G 69 -12.83 -5.11 -35.30
N GLY G 70 -12.07 -4.80 -34.25
CA GLY G 70 -11.72 -3.41 -33.99
C GLY G 70 -10.92 -2.79 -35.12
N PHE G 71 -9.97 -3.54 -35.67
CA PHE G 71 -9.17 -3.02 -36.78
C PHE G 71 -10.00 -2.89 -38.05
N GLY G 72 -10.88 -3.86 -38.30
CA GLY G 72 -11.74 -3.76 -39.48
C GLY G 72 -12.68 -2.57 -39.41
N TYR G 73 -13.17 -2.26 -38.21
CA TYR G 73 -14.00 -1.07 -38.03
C TYR G 73 -13.18 0.20 -38.25
N ARG G 74 -11.98 0.26 -37.68
CA ARG G 74 -11.08 1.39 -37.93
C ARG G 74 -10.69 1.46 -39.40
N LEU G 75 -10.59 0.31 -40.06
CA LEU G 75 -10.29 0.30 -41.49
C LEU G 75 -11.45 0.85 -42.30
N ALA G 76 -12.67 0.38 -42.03
CA ALA G 76 -13.84 0.90 -42.72
C ALA G 76 -13.98 2.39 -42.47
N LEU G 77 -13.83 2.82 -41.22
CA LEU G 77 -13.94 4.24 -40.89
C LEU G 77 -12.84 5.06 -41.56
N HIS G 78 -11.66 4.47 -41.74
CA HIS G 78 -10.55 5.22 -42.33
C HIS G 78 -10.79 5.48 -43.82
N VAL G 79 -11.29 4.47 -44.54
CA VAL G 79 -11.57 4.63 -45.97
C VAL G 79 -12.72 5.60 -46.18
N TYR G 80 -13.72 5.57 -45.29
CA TYR G 80 -14.86 6.46 -45.42
C TYR G 80 -14.46 7.91 -45.17
N GLN G 81 -13.65 8.16 -44.14
CA GLN G 81 -13.31 9.53 -43.79
C GLN G 81 -12.30 10.12 -44.77
N HIS G 82 -11.24 9.37 -45.08
CA HIS G 82 -10.21 9.86 -45.98
C HIS G 82 -10.61 9.76 -47.44
N GLY G 83 -11.86 9.38 -47.73
CA GLY G 83 -12.41 9.54 -49.05
C GLY G 83 -13.09 10.89 -49.17
N LEU G 84 -14.40 10.89 -49.41
CA LEU G 84 -15.20 12.10 -49.45
C LEU G 84 -14.62 13.16 -50.38
N SER H 6 4.78 -1.55 -43.86
CA SER H 6 5.09 -2.85 -44.45
C SER H 6 3.87 -3.49 -45.07
N THR H 7 4.00 -4.77 -45.44
CA THR H 7 2.95 -5.46 -46.18
C THR H 7 1.81 -5.84 -45.24
N MET H 8 0.82 -6.55 -45.81
CA MET H 8 -0.28 -7.10 -45.02
C MET H 8 0.18 -8.20 -44.08
N GLY H 9 1.30 -8.87 -44.39
CA GLY H 9 1.79 -9.90 -43.49
C GLY H 9 2.27 -9.34 -42.16
N GLN H 10 2.95 -8.19 -42.21
CA GLN H 10 3.38 -7.53 -40.97
C GLN H 10 2.18 -7.06 -40.16
N VAL H 11 1.22 -6.41 -40.81
CA VAL H 11 0.02 -5.94 -40.13
C VAL H 11 -0.74 -7.11 -39.49
N GLY H 12 -0.88 -8.21 -40.23
CA GLY H 12 -1.58 -9.36 -39.69
C GLY H 12 -0.87 -9.98 -38.50
N ARG H 13 0.46 -10.04 -38.55
CA ARG H 13 1.22 -10.58 -37.44
C ARG H 13 1.17 -9.66 -36.22
N GLN H 14 1.07 -8.34 -36.44
CA GLN H 14 0.96 -7.43 -35.31
C GLN H 14 -0.43 -7.50 -34.67
N LEU H 15 -1.46 -7.78 -35.47
CA LEU H 15 -2.79 -8.00 -34.88
C LEU H 15 -2.83 -9.28 -34.06
N ALA H 16 -2.02 -10.28 -34.43
CA ALA H 16 -1.91 -11.48 -33.61
C ALA H 16 -1.24 -11.18 -32.28
N ILE H 17 -0.24 -10.29 -32.27
CA ILE H 17 0.37 -9.88 -31.02
C ILE H 17 -0.60 -9.08 -30.18
N ILE H 18 -1.34 -8.16 -30.80
CA ILE H 18 -2.35 -7.39 -30.09
C ILE H 18 -3.43 -8.31 -29.55
N GLY H 19 -3.97 -9.19 -30.41
CA GLY H 19 -5.03 -10.08 -29.98
C GLY H 19 -4.62 -11.00 -28.84
N ASP H 20 -3.40 -11.54 -28.91
CA ASP H 20 -2.92 -12.40 -27.83
C ASP H 20 -2.68 -11.60 -26.55
N ASP H 21 -2.32 -10.31 -26.70
CA ASP H 21 -2.16 -9.44 -25.54
C ASP H 21 -3.51 -9.16 -24.88
N ILE H 22 -4.53 -8.86 -25.68
CA ILE H 22 -5.88 -8.68 -25.15
C ILE H 22 -6.33 -9.93 -24.41
N ASN H 23 -6.12 -11.09 -25.03
CA ASN H 23 -6.54 -12.35 -24.41
C ASN H 23 -5.84 -12.59 -23.08
N ARG H 24 -4.55 -12.27 -23.00
CA ARG H 24 -3.80 -12.57 -21.78
C ARG H 24 -4.12 -11.60 -20.66
N ARG H 25 -4.50 -10.36 -20.99
CA ARG H 25 -4.76 -9.34 -19.98
C ARG H 25 -6.16 -9.42 -19.36
N TYR H 26 -7.16 -9.91 -20.11
CA TYR H 26 -8.55 -9.76 -19.68
C TYR H 26 -9.30 -11.08 -19.53
N ASP H 27 -8.82 -12.18 -20.09
CA ASP H 27 -9.58 -13.44 -20.02
C ASP H 27 -9.74 -13.90 -18.58
N SER H 28 -8.67 -13.85 -17.79
CA SER H 28 -8.80 -14.20 -16.37
C SER H 28 -9.76 -13.26 -15.67
N GLU H 29 -9.80 -11.99 -16.07
CA GLU H 29 -10.75 -11.06 -15.45
C GLU H 29 -12.18 -11.39 -15.86
N PHE H 30 -12.38 -11.79 -17.12
CA PHE H 30 -13.69 -12.28 -17.55
C PHE H 30 -14.11 -13.50 -16.74
N GLN H 31 -13.17 -14.42 -16.51
CA GLN H 31 -13.48 -15.62 -15.73
C GLN H 31 -13.91 -15.24 -14.31
N THR H 32 -13.19 -14.32 -13.67
CA THR H 32 -13.54 -13.90 -12.31
C THR H 32 -14.92 -13.28 -12.26
N MET H 33 -15.25 -12.45 -13.25
CA MET H 33 -16.58 -11.82 -13.28
C MET H 33 -17.67 -12.87 -13.47
N LEU H 34 -17.40 -13.89 -14.28
CA LEU H 34 -18.38 -14.96 -14.46
C LEU H 34 -18.54 -15.80 -13.19
N GLN H 35 -17.48 -15.91 -12.38
CA GLN H 35 -17.59 -16.63 -11.12
C GLN H 35 -18.54 -15.93 -10.16
N HIS H 36 -18.40 -14.61 -10.02
CA HIS H 36 -19.28 -13.86 -9.13
C HIS H 36 -20.68 -13.74 -9.69
N LEU H 37 -20.81 -13.69 -11.02
CA LEU H 37 -22.14 -13.53 -11.63
C LEU H 37 -22.98 -14.79 -11.49
N GLN H 38 -22.34 -15.95 -11.62
CA GLN H 38 -23.03 -17.24 -11.59
C GLN H 38 -24.21 -17.27 -12.56
N PRO H 39 -23.95 -17.13 -13.86
CA PRO H 39 -25.05 -17.09 -14.83
C PRO H 39 -25.56 -18.48 -15.16
N THR H 40 -26.86 -18.54 -15.46
CA THR H 40 -27.53 -19.78 -15.84
C THR H 40 -28.13 -19.61 -17.22
N ALA H 41 -28.64 -20.72 -17.76
CA ALA H 41 -29.29 -20.67 -19.07
C ALA H 41 -30.59 -19.88 -19.05
N GLU H 42 -31.17 -19.65 -17.88
CA GLU H 42 -32.42 -18.92 -17.76
C GLU H 42 -32.24 -17.41 -17.59
N ASN H 43 -31.07 -16.96 -17.15
CA ASN H 43 -30.84 -15.53 -16.94
C ASN H 43 -29.64 -14.99 -17.71
N ALA H 44 -29.09 -15.74 -18.67
CA ALA H 44 -27.89 -15.31 -19.36
C ALA H 44 -28.15 -14.07 -20.22
N TYR H 45 -29.27 -14.05 -20.95
CA TYR H 45 -29.59 -12.89 -21.77
C TYR H 45 -30.07 -11.72 -20.92
N GLU H 46 -30.74 -12.00 -19.80
CA GLU H 46 -31.08 -10.93 -18.86
C GLU H 46 -29.83 -10.26 -18.33
N TYR H 47 -28.85 -11.05 -17.91
CA TYR H 47 -27.60 -10.50 -17.39
C TYR H 47 -26.88 -9.70 -18.47
N PHE H 48 -26.75 -10.28 -19.68
CA PHE H 48 -26.02 -9.61 -20.75
C PHE H 48 -26.66 -8.27 -21.11
N THR H 49 -27.99 -8.22 -21.15
CA THR H 49 -28.67 -6.96 -21.47
C THR H 49 -28.48 -5.93 -20.37
N LYS H 50 -28.53 -6.36 -19.10
CA LYS H 50 -28.33 -5.44 -17.99
C LYS H 50 -26.88 -4.99 -17.91
N ILE H 51 -25.94 -5.91 -18.17
CA ILE H 51 -24.53 -5.55 -18.20
C ILE H 51 -24.24 -4.54 -19.30
N ALA H 52 -24.79 -4.79 -20.50
CA ALA H 52 -24.59 -3.88 -21.62
C ALA H 52 -25.19 -2.51 -21.33
N THR H 53 -26.36 -2.48 -20.69
CA THR H 53 -26.96 -1.20 -20.32
C THR H 53 -26.07 -0.45 -19.34
N SER H 54 -25.52 -1.16 -18.34
CA SER H 54 -24.61 -0.53 -17.40
C SER H 54 -23.31 -0.10 -18.07
N LEU H 55 -22.84 -0.87 -19.06
CA LEU H 55 -21.60 -0.54 -19.73
C LEU H 55 -21.71 0.75 -20.54
N PHE H 56 -22.72 0.84 -21.41
CA PHE H 56 -22.87 1.99 -22.29
C PHE H 56 -23.47 3.20 -21.58
N GLU H 57 -23.75 3.10 -20.28
CA GLU H 57 -24.26 4.24 -19.52
C GLU H 57 -23.23 5.35 -19.40
N SER H 58 -21.95 5.05 -19.55
CA SER H 58 -20.89 6.05 -19.44
C SER H 58 -20.17 6.31 -20.75
N GLY H 59 -20.72 5.87 -21.87
CA GLY H 59 -20.14 6.14 -23.18
C GLY H 59 -19.94 4.86 -23.98
N ILE H 60 -19.58 5.07 -25.24
CA ILE H 60 -19.36 3.96 -26.17
C ILE H 60 -18.20 4.29 -27.10
N ASN H 61 -17.27 3.35 -27.22
CA ASN H 61 -16.21 3.39 -28.21
C ASN H 61 -15.95 1.96 -28.67
N TRP H 62 -15.11 1.80 -29.69
CA TRP H 62 -14.92 0.47 -30.27
C TRP H 62 -14.32 -0.49 -29.26
N GLY H 63 -13.52 0.01 -28.31
CA GLY H 63 -12.99 -0.86 -27.27
C GLY H 63 -14.07 -1.41 -26.35
N ARG H 64 -15.06 -0.57 -26.01
CA ARG H 64 -16.16 -1.04 -25.17
C ARG H 64 -17.02 -2.06 -25.90
N VAL H 65 -17.19 -1.90 -27.21
CA VAL H 65 -18.01 -2.85 -27.97
C VAL H 65 -17.35 -4.22 -28.00
N VAL H 66 -16.06 -4.27 -28.36
CA VAL H 66 -15.39 -5.57 -28.49
C VAL H 66 -15.20 -6.22 -27.12
N ALA H 67 -15.11 -5.43 -26.06
CA ALA H 67 -15.04 -6.01 -24.71
C ALA H 67 -16.37 -6.66 -24.35
N LEU H 68 -17.49 -6.05 -24.72
CA LEU H 68 -18.78 -6.67 -24.51
C LEU H 68 -18.94 -7.91 -25.38
N LEU H 69 -18.53 -7.83 -26.64
CA LEU H 69 -18.59 -9.00 -27.52
C LEU H 69 -17.69 -10.12 -27.00
N GLY H 70 -16.47 -9.78 -26.60
CA GLY H 70 -15.59 -10.79 -26.04
C GLY H 70 -16.15 -11.41 -24.76
N PHE H 71 -16.77 -10.57 -23.91
CA PHE H 71 -17.33 -11.09 -22.67
C PHE H 71 -18.60 -11.90 -22.94
N GLY H 72 -19.45 -11.42 -23.85
CA GLY H 72 -20.65 -12.16 -24.20
C GLY H 72 -20.35 -13.54 -24.78
N TYR H 73 -19.27 -13.64 -25.56
CA TYR H 73 -18.82 -14.94 -26.05
C TYR H 73 -18.43 -15.84 -24.89
N ARG H 74 -17.64 -15.31 -23.96
CA ARG H 74 -17.27 -16.08 -22.77
C ARG H 74 -18.48 -16.40 -21.91
N LEU H 75 -19.49 -15.54 -21.94
CA LEU H 75 -20.72 -15.79 -21.18
C LEU H 75 -21.48 -16.98 -21.74
N ALA H 76 -21.78 -16.95 -23.04
CA ALA H 76 -22.50 -18.06 -23.65
C ALA H 76 -21.71 -19.36 -23.56
N LEU H 77 -20.39 -19.28 -23.68
CA LEU H 77 -19.56 -20.48 -23.57
C LEU H 77 -19.59 -21.03 -22.15
N HIS H 78 -19.66 -20.15 -21.15
CA HIS H 78 -19.72 -20.60 -19.77
C HIS H 78 -21.04 -21.29 -19.46
N VAL H 79 -22.15 -20.76 -20.00
CA VAL H 79 -23.46 -21.37 -19.78
C VAL H 79 -23.58 -22.66 -20.58
N TYR H 80 -23.10 -22.65 -21.82
CA TYR H 80 -23.21 -23.83 -22.67
C TYR H 80 -22.48 -25.02 -22.07
N GLN H 81 -21.26 -24.81 -21.59
CA GLN H 81 -20.45 -25.93 -21.11
C GLN H 81 -20.82 -26.35 -19.69
N HIS H 82 -21.34 -25.44 -18.87
CA HIS H 82 -21.72 -25.79 -17.51
C HIS H 82 -23.22 -26.11 -17.41
N GLY I 4 9.65 -20.21 -35.52
CA GLY I 4 8.38 -19.57 -35.23
C GLY I 4 7.97 -19.72 -33.77
N SER I 5 7.34 -20.84 -33.46
CA SER I 5 6.87 -21.12 -32.10
C SER I 5 8.00 -21.55 -31.17
N SER I 6 9.26 -21.48 -31.62
CA SER I 6 10.38 -21.83 -30.78
C SER I 6 10.55 -20.80 -29.66
N THR I 7 11.45 -21.11 -28.72
CA THR I 7 11.68 -20.22 -27.59
C THR I 7 12.20 -18.86 -28.07
N MET I 8 13.10 -18.87 -29.04
CA MET I 8 13.55 -17.60 -29.62
C MET I 8 12.40 -16.83 -30.24
N GLY I 9 11.49 -17.54 -30.93
CA GLY I 9 10.32 -16.88 -31.48
C GLY I 9 9.43 -16.29 -30.42
N GLN I 10 9.29 -16.99 -29.29
CA GLN I 10 8.46 -16.46 -28.20
C GLN I 10 9.12 -15.26 -27.54
N VAL I 11 10.44 -15.34 -27.30
CA VAL I 11 11.16 -14.24 -26.66
C VAL I 11 11.08 -12.98 -27.51
N GLY I 12 11.25 -13.13 -28.83
CA GLY I 12 11.14 -11.98 -29.71
C GLY I 12 9.76 -11.35 -29.67
N ARG I 13 8.71 -12.18 -29.67
CA ARG I 13 7.35 -11.64 -29.61
C ARG I 13 7.07 -10.96 -28.27
N GLN I 14 7.68 -11.44 -27.18
CA GLN I 14 7.50 -10.78 -25.90
C GLN I 14 8.24 -9.44 -25.87
N LEU I 15 9.40 -9.36 -26.53
CA LEU I 15 10.06 -8.07 -26.67
C LEU I 15 9.23 -7.10 -27.50
N ALA I 16 8.41 -7.61 -28.43
CA ALA I 16 7.55 -6.74 -29.21
C ALA I 16 6.50 -6.06 -28.33
N ILE I 17 5.98 -6.78 -27.34
CA ILE I 17 4.99 -6.19 -26.45
C ILE I 17 5.65 -5.21 -25.49
N ILE I 18 6.88 -5.49 -25.07
CA ILE I 18 7.62 -4.56 -24.23
C ILE I 18 7.97 -3.31 -25.01
N GLY I 19 8.41 -3.46 -26.26
CA GLY I 19 8.74 -2.31 -27.07
C GLY I 19 7.53 -1.47 -27.42
N ASP I 20 6.40 -2.12 -27.69
CA ASP I 20 5.16 -1.39 -27.92
C ASP I 20 4.70 -0.68 -26.65
N ASP I 21 4.99 -1.26 -25.48
CA ASP I 21 4.63 -0.62 -24.23
C ASP I 21 5.54 0.57 -23.94
N ILE I 22 6.85 0.41 -24.18
CA ILE I 22 7.77 1.54 -24.04
C ILE I 22 7.38 2.65 -24.99
N ASN I 23 7.00 2.30 -26.22
CA ASN I 23 6.61 3.30 -27.20
C ASN I 23 5.33 4.01 -26.77
N ARG I 24 4.35 3.25 -26.29
CA ARG I 24 3.05 3.83 -25.93
C ARG I 24 3.15 4.72 -24.69
N ARG I 25 4.04 4.39 -23.75
CA ARG I 25 4.09 5.09 -22.47
C ARG I 25 4.87 6.40 -22.51
N TYR I 26 5.86 6.54 -23.40
CA TYR I 26 6.79 7.64 -23.31
C TYR I 26 6.95 8.46 -24.59
N ASP I 27 6.32 8.05 -25.69
CA ASP I 27 6.48 8.82 -26.93
C ASP I 27 5.90 10.22 -26.78
N SER I 28 4.64 10.32 -26.37
CA SER I 28 4.04 11.62 -26.14
C SER I 28 4.82 12.42 -25.10
N GLU I 29 5.43 11.74 -24.13
CA GLU I 29 6.25 12.44 -23.16
C GLU I 29 7.51 13.02 -23.81
N PHE I 30 8.14 12.25 -24.70
CA PHE I 30 9.26 12.78 -25.48
C PHE I 30 8.81 13.94 -26.36
N GLN I 31 7.64 13.82 -26.98
CA GLN I 31 7.16 14.87 -27.87
C GLN I 31 6.87 16.15 -27.08
N THR I 32 6.36 16.01 -25.86
CA THR I 32 6.08 17.19 -25.04
C THR I 32 7.35 17.87 -24.57
N MET I 33 8.36 17.08 -24.19
CA MET I 33 9.64 17.65 -23.77
C MET I 33 10.32 18.36 -24.94
N LEU I 34 10.20 17.82 -26.16
CA LEU I 34 10.80 18.47 -27.32
C LEU I 34 10.08 19.77 -27.65
N GLN I 35 8.76 19.81 -27.47
CA GLN I 35 8.02 21.04 -27.70
C GLN I 35 8.42 22.12 -26.70
N HIS I 36 8.67 21.73 -25.45
CA HIS I 36 9.11 22.71 -24.46
C HIS I 36 10.57 23.09 -24.66
N LEU I 37 11.39 22.16 -25.14
CA LEU I 37 12.80 22.46 -25.38
C LEU I 37 13.00 23.30 -26.65
N GLN I 38 12.16 23.09 -27.66
CA GLN I 38 12.29 23.77 -28.95
C GLN I 38 13.73 23.73 -29.48
N PRO I 39 14.27 22.54 -29.75
CA PRO I 39 15.66 22.47 -30.21
C PRO I 39 15.78 22.81 -31.69
N THR I 40 16.93 23.37 -32.04
CA THR I 40 17.29 23.67 -33.42
C THR I 40 18.58 22.93 -33.77
N ALA I 41 18.99 23.04 -35.04
CA ALA I 41 20.22 22.39 -35.48
C ALA I 41 21.46 22.93 -34.79
N GLU I 42 21.43 24.17 -34.29
CA GLU I 42 22.63 24.76 -33.71
C GLU I 42 22.83 24.34 -32.27
N ASN I 43 21.76 24.07 -31.53
CA ASN I 43 21.86 23.74 -30.11
C ASN I 43 21.41 22.31 -29.79
N ALA I 44 21.08 21.50 -30.80
CA ALA I 44 20.57 20.16 -30.54
C ALA I 44 21.58 19.31 -29.80
N TYR I 45 22.81 19.23 -30.31
CA TYR I 45 23.82 18.42 -29.65
C TYR I 45 24.24 19.05 -28.31
N GLU I 46 24.30 20.38 -28.25
CA GLU I 46 24.59 21.04 -26.98
C GLU I 46 23.52 20.73 -25.94
N TYR I 47 22.25 20.73 -26.35
CA TYR I 47 21.17 20.39 -25.42
C TYR I 47 21.28 18.93 -24.97
N PHE I 48 21.57 18.03 -25.91
CA PHE I 48 21.63 16.60 -25.60
C PHE I 48 22.75 16.28 -24.61
N THR I 49 23.84 17.05 -24.65
CA THR I 49 24.94 16.82 -23.72
C THR I 49 24.59 17.23 -22.30
N LYS I 50 23.91 18.38 -22.15
CA LYS I 50 23.49 18.82 -20.83
C LYS I 50 22.40 17.90 -20.27
N ILE I 51 21.48 17.45 -21.13
CA ILE I 51 20.43 16.55 -20.69
C ILE I 51 21.01 15.22 -20.23
N ALA I 52 22.02 14.73 -20.94
CA ALA I 52 22.66 13.47 -20.55
C ALA I 52 23.44 13.62 -19.24
N THR I 53 24.09 14.77 -19.06
CA THR I 53 24.81 15.02 -17.81
C THR I 53 23.85 15.09 -16.63
N SER I 54 22.73 15.81 -16.79
CA SER I 54 21.73 15.88 -15.74
C SER I 54 21.12 14.52 -15.46
N LEU I 55 20.92 13.73 -16.52
CA LEU I 55 20.31 12.40 -16.36
C LEU I 55 21.19 11.50 -15.51
N PHE I 56 22.47 11.39 -15.86
CA PHE I 56 23.38 10.44 -15.22
C PHE I 56 23.95 10.95 -13.91
N GLU I 57 23.45 12.08 -13.39
CA GLU I 57 23.90 12.56 -12.09
C GLU I 57 23.40 11.69 -10.95
N SER I 58 22.29 10.98 -11.13
CA SER I 58 21.72 10.14 -10.08
C SER I 58 22.01 8.66 -10.28
N GLY I 59 22.90 8.31 -11.20
CA GLY I 59 23.27 6.93 -11.45
C GLY I 59 23.07 6.55 -12.91
N ILE I 60 23.38 5.29 -13.21
CA ILE I 60 23.22 4.76 -14.55
C ILE I 60 22.72 3.32 -14.48
N ASN I 61 21.73 2.99 -15.30
CA ASN I 61 21.31 1.62 -15.54
C ASN I 61 20.93 1.50 -17.00
N TRP I 62 20.67 0.26 -17.44
CA TRP I 62 20.30 0.06 -18.85
C TRP I 62 19.00 0.79 -19.18
N GLY I 63 18.07 0.87 -18.23
CA GLY I 63 16.84 1.59 -18.48
C GLY I 63 17.06 3.07 -18.72
N ARG I 64 17.99 3.67 -17.99
CA ARG I 64 18.31 5.08 -18.20
C ARG I 64 19.01 5.29 -19.54
N VAL I 65 19.86 4.34 -19.94
CA VAL I 65 20.58 4.48 -21.20
C VAL I 65 19.60 4.39 -22.38
N VAL I 66 18.73 3.38 -22.38
CA VAL I 66 17.82 3.22 -23.52
C VAL I 66 16.80 4.35 -23.57
N ALA I 67 16.47 4.96 -22.43
CA ALA I 67 15.64 6.15 -22.45
C ALA I 67 16.35 7.31 -23.15
N LEU I 68 17.66 7.43 -22.92
CA LEU I 68 18.43 8.49 -23.56
C LEU I 68 18.62 8.22 -25.05
N LEU I 69 18.77 6.95 -25.43
CA LEU I 69 18.84 6.59 -26.85
C LEU I 69 17.54 6.92 -27.56
N GLY I 70 16.40 6.61 -26.94
CA GLY I 70 15.13 6.87 -27.57
C GLY I 70 14.82 8.36 -27.66
N PHE I 71 15.17 9.12 -26.62
CA PHE I 71 14.99 10.56 -26.65
C PHE I 71 15.92 11.21 -27.66
N GLY I 72 17.17 10.73 -27.74
CA GLY I 72 18.10 11.26 -28.72
C GLY I 72 17.69 10.97 -30.15
N TYR I 73 17.04 9.82 -30.38
CA TYR I 73 16.48 9.53 -31.70
C TYR I 73 15.36 10.51 -32.05
N ARG I 74 14.42 10.71 -31.12
CA ARG I 74 13.33 11.66 -31.37
C ARG I 74 13.84 13.09 -31.36
N LEU I 75 14.93 13.36 -30.65
CA LEU I 75 15.55 14.68 -30.73
C LEU I 75 16.11 14.93 -32.12
N ALA I 76 16.90 13.98 -32.64
CA ALA I 76 17.42 14.11 -33.99
C ALA I 76 16.29 14.17 -35.01
N LEU I 77 15.24 13.38 -34.80
CA LEU I 77 14.11 13.38 -35.72
C LEU I 77 13.35 14.69 -35.68
N HIS I 78 13.22 15.29 -34.50
CA HIS I 78 12.54 16.57 -34.35
C HIS I 78 13.27 17.67 -35.10
N VAL I 79 14.59 17.80 -34.92
CA VAL I 79 15.34 18.87 -35.59
C VAL I 79 15.26 18.72 -37.10
N TYR I 80 15.29 17.48 -37.61
CA TYR I 80 15.27 17.26 -39.05
C TYR I 80 13.93 17.66 -39.66
N GLN I 81 12.83 17.23 -39.02
CA GLN I 81 11.51 17.44 -39.61
C GLN I 81 11.04 18.88 -39.50
N HIS I 82 11.47 19.62 -38.48
CA HIS I 82 11.01 21.00 -38.35
C HIS I 82 11.82 21.97 -39.18
N GLY I 83 13.05 21.61 -39.53
CA GLY I 83 13.82 22.44 -40.44
C GLY I 83 13.47 22.24 -41.90
N LEU I 84 12.67 21.23 -42.22
CA LEU I 84 12.26 21.01 -43.60
C LEU I 84 11.24 22.04 -44.03
N THR I 85 11.57 22.83 -45.05
CA THR I 85 10.68 23.85 -45.57
C THR I 85 10.56 23.74 -47.08
N SER J 5 20.19 22.41 -13.84
CA SER J 5 18.92 22.29 -13.17
C SER J 5 17.99 23.35 -13.77
N SER J 6 18.10 23.46 -15.09
CA SER J 6 17.27 24.31 -15.92
C SER J 6 16.11 23.48 -16.48
N THR J 7 15.59 23.87 -17.65
CA THR J 7 14.75 22.99 -18.45
C THR J 7 15.54 21.77 -18.90
N MET J 8 16.77 22.00 -19.31
CA MET J 8 17.68 20.91 -19.65
C MET J 8 17.87 19.95 -18.46
N GLY J 9 18.04 20.52 -17.27
CA GLY J 9 18.05 19.69 -16.08
C GLY J 9 16.69 19.09 -15.79
N GLN J 10 15.63 19.86 -16.01
CA GLN J 10 14.27 19.36 -15.83
C GLN J 10 14.00 18.20 -16.78
N VAL J 11 14.44 18.32 -18.04
CA VAL J 11 14.27 17.24 -19.00
C VAL J 11 15.14 16.04 -18.62
N GLY J 12 16.39 16.30 -18.21
CA GLY J 12 17.26 15.23 -17.78
C GLY J 12 16.70 14.45 -16.60
N ARG J 13 16.14 15.17 -15.62
CA ARG J 13 15.56 14.50 -14.46
C ARG J 13 14.33 13.67 -14.85
N GLN J 14 13.57 14.12 -15.83
CA GLN J 14 12.43 13.34 -16.28
C GLN J 14 12.87 12.05 -16.97
N LEU J 15 13.96 12.11 -17.75
CA LEU J 15 14.50 10.90 -18.35
C LEU J 15 15.03 9.94 -17.29
N ALA J 16 15.48 10.46 -16.14
CA ALA J 16 15.86 9.58 -15.05
C ALA J 16 14.65 8.86 -14.47
N ILE J 17 13.52 9.56 -14.38
CA ILE J 17 12.27 8.93 -13.94
C ILE J 17 11.85 7.87 -14.95
N ILE J 18 11.88 8.22 -16.25
CA ILE J 18 11.49 7.28 -17.30
C ILE J 18 12.42 6.07 -17.32
N GLY J 19 13.73 6.31 -17.28
CA GLY J 19 14.68 5.22 -17.33
C GLY J 19 14.56 4.27 -16.14
N ASP J 20 14.43 4.83 -14.94
CA ASP J 20 14.20 4.00 -13.77
C ASP J 20 12.86 3.28 -13.84
N ASP J 21 11.88 3.88 -14.52
CA ASP J 21 10.57 3.24 -14.68
C ASP J 21 10.67 2.06 -15.65
N ILE J 22 11.41 2.25 -16.75
CA ILE J 22 11.66 1.17 -17.70
C ILE J 22 12.44 0.04 -17.04
N ASN J 23 13.42 0.39 -16.21
CA ASN J 23 14.26 -0.62 -15.58
C ASN J 23 13.46 -1.51 -14.62
N ARG J 24 12.56 -0.91 -13.83
CA ARG J 24 11.79 -1.70 -12.88
C ARG J 24 10.65 -2.46 -13.53
N ARG J 25 10.17 -2.02 -14.68
CA ARG J 25 9.05 -2.68 -15.33
C ARG J 25 9.47 -3.94 -16.08
N TYR J 26 10.71 -3.98 -16.60
CA TYR J 26 11.07 -5.02 -17.57
C TYR J 26 12.32 -5.81 -17.22
N ASP J 27 13.15 -5.37 -16.27
CA ASP J 27 14.36 -6.13 -15.95
C ASP J 27 14.02 -7.52 -15.42
N SER J 28 12.94 -7.62 -14.64
CA SER J 28 12.50 -8.92 -14.16
C SER J 28 12.08 -9.83 -15.30
N GLU J 29 11.42 -9.26 -16.33
CA GLU J 29 11.07 -10.04 -17.49
C GLU J 29 12.29 -10.44 -18.30
N PHE J 30 13.31 -9.57 -18.35
CA PHE J 30 14.54 -9.93 -19.03
C PHE J 30 15.26 -11.08 -18.33
N GLN J 31 15.32 -11.04 -17.00
CA GLN J 31 15.93 -12.13 -16.25
C GLN J 31 15.16 -13.44 -16.46
N THR J 32 13.83 -13.35 -16.54
CA THR J 32 13.02 -14.54 -16.80
C THR J 32 13.33 -15.11 -18.18
N MET J 33 13.42 -14.24 -19.20
CA MET J 33 13.73 -14.70 -20.54
C MET J 33 15.10 -15.38 -20.60
N LEU J 34 16.10 -14.79 -19.94
CA LEU J 34 17.44 -15.37 -19.95
C LEU J 34 17.48 -16.72 -19.24
N GLN J 35 16.64 -16.92 -18.23
CA GLN J 35 16.59 -18.21 -17.57
C GLN J 35 16.01 -19.28 -18.48
N HIS J 36 15.18 -18.89 -19.45
CA HIS J 36 14.73 -19.84 -20.46
C HIS J 36 15.80 -20.07 -21.52
N LEU J 37 16.43 -19.00 -21.99
CA LEU J 37 17.42 -19.14 -23.06
C LEU J 37 18.64 -19.93 -22.59
N GLN J 38 19.09 -19.67 -21.36
CA GLN J 38 20.38 -20.17 -20.87
C GLN J 38 21.48 -19.91 -21.90
N PRO J 39 21.74 -18.65 -22.22
CA PRO J 39 22.70 -18.36 -23.30
C PRO J 39 24.13 -18.65 -22.89
N THR J 40 24.91 -19.08 -23.86
CA THR J 40 26.33 -19.34 -23.68
C THR J 40 27.13 -18.46 -24.65
N ALA J 41 28.45 -18.52 -24.52
CA ALA J 41 29.30 -17.79 -25.45
C ALA J 41 29.15 -18.28 -26.88
N GLU J 42 28.76 -19.54 -27.07
CA GLU J 42 28.68 -20.13 -28.40
C GLU J 42 27.32 -19.96 -29.07
N ASN J 43 26.29 -19.52 -28.34
CA ASN J 43 24.97 -19.33 -28.94
C ASN J 43 24.36 -17.95 -28.70
N ALA J 44 25.10 -17.03 -28.07
CA ALA J 44 24.52 -15.73 -27.70
C ALA J 44 24.12 -14.93 -28.94
N TYR J 45 25.02 -14.79 -29.90
CA TYR J 45 24.70 -14.04 -31.11
C TYR J 45 23.69 -14.79 -31.99
N GLU J 46 23.72 -16.12 -31.95
CA GLU J 46 22.69 -16.91 -32.64
C GLU J 46 21.31 -16.62 -32.07
N TYR J 47 21.19 -16.66 -30.74
CA TYR J 47 19.91 -16.35 -30.08
C TYR J 47 19.50 -14.90 -30.33
N PHE J 48 20.46 -13.98 -30.22
CA PHE J 48 20.13 -12.57 -30.41
C PHE J 48 19.61 -12.28 -31.81
N THR J 49 20.19 -12.92 -32.82
CA THR J 49 19.75 -12.66 -34.19
C THR J 49 18.38 -13.27 -34.47
N LYS J 50 18.13 -14.47 -33.97
CA LYS J 50 16.82 -15.09 -34.15
C LYS J 50 15.75 -14.33 -33.37
N ILE J 51 16.10 -13.86 -32.16
CA ILE J 51 15.15 -13.10 -31.35
C ILE J 51 14.80 -11.78 -32.03
N ALA J 52 15.81 -11.09 -32.57
CA ALA J 52 15.55 -9.85 -33.29
C ALA J 52 14.68 -10.09 -34.52
N THR J 53 14.95 -11.17 -35.25
CA THR J 53 14.15 -11.48 -36.44
C THR J 53 12.70 -11.73 -36.06
N SER J 54 12.48 -12.55 -35.02
CA SER J 54 11.13 -12.78 -34.53
C SER J 54 10.49 -11.49 -34.05
N LEU J 55 11.29 -10.60 -33.44
CA LEU J 55 10.77 -9.34 -32.93
C LEU J 55 10.28 -8.44 -34.05
N PHE J 56 11.10 -8.24 -35.08
CA PHE J 56 10.78 -7.28 -36.14
C PHE J 56 9.83 -7.83 -37.19
N GLU J 57 9.37 -9.08 -37.07
CA GLU J 57 8.40 -9.61 -38.01
C GLU J 57 7.05 -8.89 -37.93
N SER J 58 6.74 -8.27 -36.79
CA SER J 58 5.45 -7.61 -36.60
C SER J 58 5.54 -6.10 -36.66
N GLY J 59 6.70 -5.54 -36.98
CA GLY J 59 6.88 -4.11 -37.08
C GLY J 59 8.13 -3.65 -36.38
N ILE J 60 8.45 -2.37 -36.59
CA ILE J 60 9.60 -1.76 -35.95
C ILE J 60 9.26 -0.34 -35.52
N ASN J 61 9.67 0.02 -34.31
CA ASN J 61 9.60 1.38 -33.82
C ASN J 61 10.72 1.56 -32.80
N TRP J 62 10.99 2.81 -32.42
CA TRP J 62 12.10 3.06 -31.51
C TRP J 62 11.93 2.35 -30.18
N GLY J 63 10.68 2.11 -29.77
CA GLY J 63 10.45 1.33 -28.56
C GLY J 63 10.96 -0.09 -28.68
N ARG J 64 10.69 -0.74 -29.83
CA ARG J 64 11.19 -2.10 -30.04
C ARG J 64 12.70 -2.13 -30.17
N VAL J 65 13.29 -1.09 -30.76
CA VAL J 65 14.74 -1.10 -30.97
C VAL J 65 15.48 -0.97 -29.64
N VAL J 66 15.05 -0.02 -28.80
CA VAL J 66 15.72 0.14 -27.51
C VAL J 66 15.46 -1.06 -26.61
N ALA J 67 14.28 -1.68 -26.73
CA ALA J 67 14.01 -2.89 -25.96
C ALA J 67 14.95 -4.02 -26.35
N LEU J 68 15.25 -4.14 -27.64
CA LEU J 68 16.21 -5.14 -28.08
C LEU J 68 17.62 -4.81 -27.59
N LEU J 69 17.98 -3.51 -27.61
CA LEU J 69 19.29 -3.10 -27.10
C LEU J 69 19.41 -3.36 -25.61
N GLY J 70 18.35 -3.05 -24.85
CA GLY J 70 18.38 -3.33 -23.42
C GLY J 70 18.48 -4.82 -23.14
N PHE J 71 17.74 -5.63 -23.89
CA PHE J 71 17.85 -7.08 -23.73
C PHE J 71 19.19 -7.59 -24.24
N GLY J 72 19.67 -7.06 -25.36
CA GLY J 72 20.97 -7.46 -25.87
C GLY J 72 22.09 -7.18 -24.87
N TYR J 73 22.04 -6.02 -24.22
CA TYR J 73 23.00 -5.72 -23.17
C TYR J 73 22.88 -6.71 -22.01
N ARG J 74 21.65 -6.98 -21.57
CA ARG J 74 21.46 -7.96 -20.50
C ARG J 74 21.87 -9.36 -20.95
N LEU J 75 21.69 -9.67 -22.23
CA LEU J 75 22.14 -10.96 -22.75
C LEU J 75 23.65 -11.07 -22.72
N ALA J 76 24.35 -10.10 -23.31
CA ALA J 76 25.80 -10.10 -23.33
C ALA J 76 26.38 -10.08 -21.91
N LEU J 77 25.81 -9.25 -21.03
CA LEU J 77 26.30 -9.20 -19.66
C LEU J 77 26.11 -10.53 -18.94
N HIS J 78 25.05 -11.26 -19.28
CA HIS J 78 24.79 -12.54 -18.64
C HIS J 78 25.88 -13.56 -18.98
N VAL J 79 26.29 -13.62 -20.24
CA VAL J 79 27.33 -14.57 -20.64
C VAL J 79 28.68 -14.14 -20.10
N TYR J 80 28.93 -12.82 -20.05
CA TYR J 80 30.22 -12.34 -19.57
C TYR J 80 30.42 -12.67 -18.09
N GLN J 81 29.37 -12.46 -17.28
CA GLN J 81 29.51 -12.67 -15.84
C GLN J 81 29.51 -14.15 -15.47
N HIS J 82 28.91 -15.00 -16.30
CA HIS J 82 28.85 -16.43 -16.02
C HIS J 82 29.87 -17.24 -16.81
N GLY J 83 30.34 -16.73 -17.95
CA GLY J 83 31.31 -17.45 -18.76
C GLY J 83 32.72 -17.43 -18.18
N GLY K 4 15.55 15.65 -3.63
CA GLY K 4 16.59 14.95 -2.90
C GLY K 4 16.47 13.44 -3.02
N SER K 5 17.27 12.73 -2.22
CA SER K 5 17.29 11.27 -2.24
C SER K 5 16.70 10.66 -0.97
N SER K 6 16.29 11.47 0.00
CA SER K 6 15.67 10.95 1.21
C SER K 6 14.29 10.39 0.89
N THR K 7 13.59 9.93 1.93
CA THR K 7 12.25 9.40 1.72
C THR K 7 11.32 10.46 1.13
N MET K 8 11.56 11.74 1.44
CA MET K 8 10.79 12.79 0.79
C MET K 8 11.07 12.85 -0.70
N GLY K 9 12.32 12.61 -1.10
CA GLY K 9 12.63 12.59 -2.53
C GLY K 9 12.02 11.41 -3.24
N GLN K 10 12.05 10.23 -2.60
CA GLN K 10 11.44 9.05 -3.20
C GLN K 10 9.93 9.19 -3.30
N VAL K 11 9.29 9.69 -2.25
CA VAL K 11 7.84 9.90 -2.28
C VAL K 11 7.47 10.89 -3.36
N GLY K 12 8.26 11.97 -3.50
CA GLY K 12 8.00 12.92 -4.56
C GLY K 12 8.16 12.32 -5.94
N ARG K 13 9.19 11.49 -6.13
CA ARG K 13 9.41 10.85 -7.42
C ARG K 13 8.35 9.79 -7.70
N GLN K 14 7.84 9.11 -6.67
CA GLN K 14 6.75 8.17 -6.88
C GLN K 14 5.47 8.87 -7.28
N LEU K 15 5.25 10.10 -6.78
CA LEU K 15 4.09 10.87 -7.22
C LEU K 15 4.23 11.31 -8.67
N ALA K 16 5.47 11.48 -9.16
CA ALA K 16 5.68 11.85 -10.55
C ALA K 16 5.26 10.74 -11.49
N ILE K 17 5.53 9.49 -11.11
CA ILE K 17 5.09 8.35 -11.93
C ILE K 17 3.57 8.24 -11.89
N ILE K 18 2.97 8.45 -10.71
CA ILE K 18 1.52 8.35 -10.59
C ILE K 18 0.84 9.46 -11.37
N GLY K 19 1.37 10.68 -11.28
CA GLY K 19 0.80 11.79 -12.03
C GLY K 19 0.97 11.62 -13.53
N ASP K 20 2.14 11.17 -13.96
CA ASP K 20 2.36 10.89 -15.38
C ASP K 20 1.47 9.74 -15.86
N ASP K 21 1.16 8.79 -14.97
CA ASP K 21 0.24 7.72 -15.33
C ASP K 21 -1.20 8.24 -15.42
N ILE K 22 -1.59 9.13 -14.50
CA ILE K 22 -2.92 9.71 -14.58
C ILE K 22 -3.06 10.55 -15.84
N ASN K 23 -2.01 11.28 -16.20
CA ASN K 23 -2.08 12.15 -17.37
C ASN K 23 -2.20 11.34 -18.66
N ARG K 24 -1.42 10.27 -18.80
CA ARG K 24 -1.47 9.49 -20.04
C ARG K 24 -2.73 8.64 -20.15
N ARG K 25 -3.37 8.32 -19.02
CA ARG K 25 -4.52 7.43 -19.08
C ARG K 25 -5.81 8.16 -19.40
N TYR K 26 -5.94 9.42 -18.99
CA TYR K 26 -7.23 10.10 -19.06
C TYR K 26 -7.25 11.41 -19.85
N ASP K 27 -6.10 11.93 -20.27
CA ASP K 27 -6.11 13.19 -21.02
C ASP K 27 -6.87 13.05 -22.33
N SER K 28 -6.59 12.00 -23.08
CA SER K 28 -7.30 11.77 -24.34
C SER K 28 -8.80 11.63 -24.10
N GLU K 29 -9.20 10.98 -23.01
CA GLU K 29 -10.62 10.85 -22.71
C GLU K 29 -11.25 12.19 -22.38
N PHE K 30 -10.53 13.04 -21.62
CA PHE K 30 -11.05 14.37 -21.31
C PHE K 30 -11.25 15.18 -22.59
N GLN K 31 -10.35 15.04 -23.57
CA GLN K 31 -10.50 15.79 -24.81
C GLN K 31 -11.63 15.24 -25.66
N THR K 32 -11.87 13.92 -25.61
CA THR K 32 -12.97 13.34 -26.37
C THR K 32 -14.32 13.75 -25.79
N MET K 33 -14.42 13.83 -24.46
CA MET K 33 -15.67 14.26 -23.85
C MET K 33 -15.94 15.73 -24.12
N LEU K 34 -14.88 16.56 -24.11
CA LEU K 34 -15.06 17.97 -24.42
C LEU K 34 -15.43 18.18 -25.89
N GLN K 35 -14.86 17.36 -26.79
CA GLN K 35 -15.23 17.45 -28.20
C GLN K 35 -16.69 17.07 -28.41
N HIS K 36 -17.17 16.05 -27.69
CA HIS K 36 -18.57 15.68 -27.82
C HIS K 36 -19.48 16.68 -27.12
N LEU K 37 -19.01 17.31 -26.05
CA LEU K 37 -19.84 18.24 -25.30
C LEU K 37 -19.95 19.60 -25.98
N GLN K 38 -18.90 20.00 -26.71
CA GLN K 38 -18.82 21.29 -27.39
C GLN K 38 -19.17 22.43 -26.45
N PRO K 39 -18.35 22.69 -25.43
CA PRO K 39 -18.69 23.74 -24.48
C PRO K 39 -18.33 25.12 -25.00
N THR K 40 -19.14 26.09 -24.60
CA THR K 40 -18.90 27.50 -24.90
C THR K 40 -18.72 28.27 -23.61
N ALA K 41 -18.34 29.55 -23.74
CA ALA K 41 -18.12 30.38 -22.56
C ALA K 41 -19.43 30.65 -21.81
N GLU K 42 -20.57 30.53 -22.47
CA GLU K 42 -21.85 30.82 -21.86
C GLU K 42 -22.49 29.62 -21.16
N ASN K 43 -22.04 28.40 -21.47
CA ASN K 43 -22.59 27.21 -20.85
C ASN K 43 -21.52 26.34 -20.16
N ALA K 44 -20.28 26.80 -20.10
CA ALA K 44 -19.20 25.98 -19.53
C ALA K 44 -19.43 25.73 -18.05
N TYR K 45 -19.76 26.78 -17.30
CA TYR K 45 -20.04 26.59 -15.87
C TYR K 45 -21.38 25.90 -15.65
N GLU K 46 -22.35 26.14 -16.53
CA GLU K 46 -23.61 25.40 -16.46
C GLU K 46 -23.39 23.92 -16.74
N TYR K 47 -22.57 23.61 -17.75
CA TYR K 47 -22.23 22.21 -18.03
C TYR K 47 -21.44 21.60 -16.88
N PHE K 48 -20.49 22.35 -16.32
CA PHE K 48 -19.64 21.81 -15.26
C PHE K 48 -20.43 21.54 -13.98
N THR K 49 -21.47 22.32 -13.71
CA THR K 49 -22.29 22.07 -12.53
C THR K 49 -23.13 20.81 -12.69
N LYS K 50 -23.71 20.60 -13.89
CA LYS K 50 -24.52 19.41 -14.11
C LYS K 50 -23.68 18.15 -14.17
N ILE K 51 -22.46 18.25 -14.71
CA ILE K 51 -21.57 17.09 -14.74
C ILE K 51 -21.16 16.69 -13.32
N ALA K 52 -20.94 17.68 -12.45
CA ALA K 52 -20.51 17.38 -11.09
C ALA K 52 -21.63 16.72 -10.28
N THR K 53 -22.87 17.17 -10.46
CA THR K 53 -23.98 16.55 -9.75
C THR K 53 -24.22 15.12 -10.23
N SER K 54 -24.17 14.90 -11.54
CA SER K 54 -24.29 13.54 -12.07
C SER K 54 -23.14 12.66 -11.62
N LEU K 55 -21.95 13.25 -11.43
CA LEU K 55 -20.80 12.47 -10.97
C LEU K 55 -20.97 12.03 -9.53
N PHE K 56 -21.43 12.92 -8.65
CA PHE K 56 -21.51 12.65 -7.22
C PHE K 56 -22.81 11.98 -6.81
N GLU K 57 -23.65 11.59 -7.76
CA GLU K 57 -24.86 10.84 -7.41
C GLU K 57 -24.52 9.45 -6.87
N SER K 58 -23.38 8.89 -7.27
CA SER K 58 -23.01 7.53 -6.90
C SER K 58 -21.97 7.47 -5.79
N GLY K 59 -21.67 8.60 -5.16
CA GLY K 59 -20.71 8.64 -4.07
C GLY K 59 -19.62 9.66 -4.32
N ILE K 60 -18.72 9.75 -3.34
CA ILE K 60 -17.60 10.68 -3.40
C ILE K 60 -16.37 10.03 -2.78
N ASN K 61 -15.22 10.23 -3.43
CA ASN K 61 -13.93 9.84 -2.90
C ASN K 61 -12.89 10.76 -3.52
N TRP K 62 -11.66 10.69 -3.00
CA TRP K 62 -10.64 11.61 -3.48
C TRP K 62 -10.35 11.42 -4.97
N GLY K 63 -10.56 10.20 -5.48
CA GLY K 63 -10.35 9.96 -6.90
C GLY K 63 -11.37 10.66 -7.78
N ARG K 64 -12.63 10.65 -7.36
CA ARG K 64 -13.67 11.36 -8.11
C ARG K 64 -13.48 12.87 -8.07
N VAL K 65 -12.94 13.40 -6.97
CA VAL K 65 -12.74 14.83 -6.85
C VAL K 65 -11.60 15.29 -7.76
N VAL K 66 -10.48 14.56 -7.75
CA VAL K 66 -9.34 14.96 -8.56
C VAL K 66 -9.63 14.75 -10.04
N ALA K 67 -10.51 13.80 -10.38
CA ALA K 67 -10.92 13.64 -11.76
C ALA K 67 -11.78 14.81 -12.23
N LEU K 68 -12.57 15.38 -11.32
CA LEU K 68 -13.35 16.57 -11.66
C LEU K 68 -12.49 17.82 -11.72
N LEU K 69 -11.48 17.92 -10.86
CA LEU K 69 -10.54 19.05 -10.93
C LEU K 69 -9.78 19.04 -12.25
N GLY K 70 -9.28 17.87 -12.67
CA GLY K 70 -8.55 17.79 -13.92
C GLY K 70 -9.44 18.05 -15.12
N PHE K 71 -10.67 17.53 -15.09
CA PHE K 71 -11.59 17.77 -16.19
C PHE K 71 -12.01 19.23 -16.27
N GLY K 72 -12.32 19.85 -15.13
CA GLY K 72 -12.66 21.26 -15.13
C GLY K 72 -11.52 22.13 -15.61
N TYR K 73 -10.29 21.77 -15.26
CA TYR K 73 -9.13 22.47 -15.78
C TYR K 73 -9.07 22.37 -17.30
N ARG K 74 -9.23 21.16 -17.84
CA ARG K 74 -9.24 21.00 -19.29
C ARG K 74 -10.48 21.61 -19.92
N LEU K 75 -11.58 21.69 -19.16
CA LEU K 75 -12.76 22.38 -19.64
C LEU K 75 -12.49 23.87 -19.80
N ALA K 76 -11.97 24.51 -18.74
CA ALA K 76 -11.60 25.92 -18.83
C ALA K 76 -10.55 26.15 -19.92
N LEU K 77 -9.58 25.26 -20.00
CA LEU K 77 -8.54 25.39 -21.04
C LEU K 77 -9.15 25.25 -22.43
N HIS K 78 -10.13 24.36 -22.59
CA HIS K 78 -10.73 24.13 -23.89
C HIS K 78 -11.55 25.34 -24.35
N VAL K 79 -12.30 25.95 -23.42
CA VAL K 79 -13.09 27.13 -23.78
C VAL K 79 -12.20 28.31 -24.13
N TYR K 80 -11.10 28.48 -23.39
CA TYR K 80 -10.21 29.62 -23.62
C TYR K 80 -9.52 29.50 -24.98
N GLN K 81 -8.96 28.34 -25.28
CA GLN K 81 -8.18 28.21 -26.51
C GLN K 81 -9.05 28.16 -27.75
N HIS K 82 -10.21 27.50 -27.67
CA HIS K 82 -11.09 27.45 -28.84
C HIS K 82 -11.81 28.76 -29.09
N GLY K 83 -11.83 29.68 -28.13
CA GLY K 83 -12.44 30.97 -28.33
C GLY K 83 -11.51 32.06 -28.80
N LEU K 84 -10.19 31.83 -28.76
CA LEU K 84 -9.22 32.81 -29.22
C LEU K 84 -9.33 33.04 -30.72
N SER L 6 -23.91 11.53 -25.10
CA SER L 6 -23.00 12.68 -25.06
C SER L 6 -23.55 13.78 -24.16
N THR L 7 -24.50 13.43 -23.31
CA THR L 7 -25.07 14.39 -22.37
C THR L 7 -24.09 14.67 -21.23
N MET L 8 -24.47 15.63 -20.38
CA MET L 8 -23.71 15.87 -19.15
C MET L 8 -23.74 14.66 -18.23
N GLY L 9 -24.83 13.88 -18.26
CA GLY L 9 -24.91 12.71 -17.40
C GLY L 9 -23.93 11.63 -17.79
N GLN L 10 -23.79 11.37 -19.09
CA GLN L 10 -22.80 10.39 -19.55
C GLN L 10 -21.40 10.84 -19.19
N VAL L 11 -21.06 12.11 -19.43
CA VAL L 11 -19.75 12.63 -19.05
C VAL L 11 -19.55 12.53 -17.55
N GLY L 12 -20.57 12.90 -16.76
CA GLY L 12 -20.46 12.76 -15.31
C GLY L 12 -20.25 11.33 -14.86
N ARG L 13 -20.97 10.39 -15.47
CA ARG L 13 -20.79 8.99 -15.13
C ARG L 13 -19.43 8.47 -15.58
N GLN L 14 -18.93 8.95 -16.73
CA GLN L 14 -17.59 8.55 -17.16
C GLN L 14 -16.53 9.07 -16.21
N LEU L 15 -16.72 10.28 -15.65
CA LEU L 15 -15.81 10.78 -14.64
C LEU L 15 -15.89 9.97 -13.35
N ALA L 16 -17.07 9.45 -13.02
CA ALA L 16 -17.18 8.54 -11.89
C ALA L 16 -16.39 7.27 -12.14
N ILE L 17 -16.41 6.77 -13.38
CA ILE L 17 -15.59 5.63 -13.76
C ILE L 17 -14.11 5.96 -13.60
N ILE L 18 -13.70 7.12 -14.11
CA ILE L 18 -12.30 7.52 -14.04
C ILE L 18 -11.88 7.77 -12.60
N GLY L 19 -12.71 8.48 -11.83
CA GLY L 19 -12.37 8.74 -10.43
C GLY L 19 -12.23 7.47 -9.61
N ASP L 20 -13.15 6.51 -9.79
CA ASP L 20 -13.02 5.24 -9.09
C ASP L 20 -11.80 4.48 -9.57
N ASP L 21 -11.44 4.59 -10.85
CA ASP L 21 -10.24 3.92 -11.35
C ASP L 21 -8.98 4.48 -10.71
N ILE L 22 -8.88 5.82 -10.63
CA ILE L 22 -7.76 6.46 -9.94
C ILE L 22 -7.70 6.01 -8.49
N ASN L 23 -8.86 5.92 -7.83
CA ASN L 23 -8.88 5.60 -6.41
C ASN L 23 -8.33 4.19 -6.15
N ARG L 24 -8.81 3.19 -6.90
CA ARG L 24 -8.38 1.83 -6.64
C ARG L 24 -6.95 1.59 -7.06
N ARG L 25 -6.45 2.35 -8.04
CA ARG L 25 -5.09 2.13 -8.52
C ARG L 25 -4.03 2.68 -7.58
N TYR L 26 -4.30 3.80 -6.90
CA TYR L 26 -3.27 4.52 -6.17
C TYR L 26 -3.54 4.71 -4.68
N ASP L 27 -4.76 4.46 -4.20
CA ASP L 27 -5.04 4.70 -2.79
C ASP L 27 -4.22 3.79 -1.89
N SER L 28 -4.15 2.51 -2.23
CA SER L 28 -3.29 1.59 -1.47
C SER L 28 -1.83 2.03 -1.50
N GLU L 29 -1.38 2.61 -2.61
CA GLU L 29 -0.03 3.16 -2.67
C GLU L 29 0.11 4.38 -1.78
N PHE L 30 -0.91 5.23 -1.74
CA PHE L 30 -0.86 6.42 -0.88
C PHE L 30 -0.79 6.03 0.59
N GLN L 31 -1.54 4.99 0.99
CA GLN L 31 -1.49 4.55 2.37
C GLN L 31 -0.10 4.05 2.74
N THR L 32 0.54 3.29 1.85
CA THR L 32 1.85 2.76 2.16
C THR L 32 2.90 3.87 2.26
N MET L 33 2.82 4.86 1.37
CA MET L 33 3.75 5.98 1.46
C MET L 33 3.58 6.73 2.78
N LEU L 34 2.33 6.94 3.21
CA LEU L 34 2.06 7.64 4.45
C LEU L 34 2.56 6.84 5.66
N GLN L 35 2.43 5.51 5.61
CA GLN L 35 2.91 4.69 6.72
C GLN L 35 4.43 4.75 6.84
N HIS L 36 5.14 4.95 5.73
CA HIS L 36 6.59 5.08 5.78
C HIS L 36 6.99 6.47 6.27
N LEU L 37 6.25 7.51 5.89
CA LEU L 37 6.61 8.87 6.28
C LEU L 37 6.38 9.11 7.77
N GLN L 38 5.34 8.49 8.34
CA GLN L 38 4.86 8.78 9.69
C GLN L 38 4.73 10.29 9.90
N PRO L 39 3.79 10.93 9.21
CA PRO L 39 3.64 12.37 9.37
C PRO L 39 2.84 12.72 10.63
N THR L 40 3.22 13.84 11.23
CA THR L 40 2.53 14.40 12.38
C THR L 40 2.12 15.83 12.08
N ALA L 41 1.38 16.43 13.01
CA ALA L 41 1.00 17.82 12.86
C ALA L 41 2.21 18.74 12.80
N GLU L 42 3.33 18.33 13.38
CA GLU L 42 4.51 19.17 13.46
C GLU L 42 5.41 19.09 12.23
N ASN L 43 5.25 18.07 11.39
CA ASN L 43 6.08 17.94 10.20
C ASN L 43 5.28 17.78 8.91
N ALA L 44 3.95 17.92 8.96
CA ALA L 44 3.11 17.64 7.79
C ALA L 44 3.38 18.63 6.66
N TYR L 45 3.44 19.92 6.98
CA TYR L 45 3.66 20.91 5.93
C TYR L 45 5.09 20.84 5.40
N GLU L 46 6.06 20.59 6.29
CA GLU L 46 7.44 20.40 5.83
C GLU L 46 7.52 19.22 4.87
N TYR L 47 6.89 18.11 5.22
CA TYR L 47 6.89 16.93 4.35
C TYR L 47 6.22 17.23 3.02
N PHE L 48 5.03 17.83 3.06
CA PHE L 48 4.30 18.15 1.84
C PHE L 48 5.12 19.07 0.94
N THR L 49 5.78 20.08 1.52
CA THR L 49 6.57 21.02 0.74
C THR L 49 7.75 20.33 0.07
N LYS L 50 8.50 19.51 0.82
CA LYS L 50 9.64 18.81 0.23
C LYS L 50 9.19 17.80 -0.82
N ILE L 51 8.06 17.12 -0.57
CA ILE L 51 7.54 16.17 -1.55
C ILE L 51 7.12 16.89 -2.81
N ALA L 52 6.55 18.09 -2.68
CA ALA L 52 6.11 18.84 -3.84
C ALA L 52 7.28 19.30 -4.69
N THR L 53 8.29 19.93 -4.09
CA THR L 53 9.44 20.37 -4.86
C THR L 53 10.17 19.20 -5.49
N SER L 54 10.28 18.09 -4.76
CA SER L 54 10.88 16.88 -5.32
C SER L 54 10.08 16.36 -6.50
N LEU L 55 8.75 16.47 -6.45
CA LEU L 55 7.91 16.03 -7.56
C LEU L 55 8.07 16.93 -8.76
N PHE L 56 8.05 18.25 -8.56
CA PHE L 56 8.08 19.18 -9.68
C PHE L 56 9.48 19.40 -10.26
N GLU L 57 10.51 18.77 -9.69
CA GLU L 57 11.84 18.85 -10.28
C GLU L 57 11.92 18.20 -11.65
N SER L 58 10.96 17.32 -11.99
CA SER L 58 10.96 16.60 -13.25
C SER L 58 9.85 17.04 -14.19
N GLY L 59 9.18 18.14 -13.89
CA GLY L 59 8.11 18.65 -14.74
C GLY L 59 6.81 18.80 -13.98
N ILE L 60 5.85 19.39 -14.67
CA ILE L 60 4.52 19.63 -14.10
C ILE L 60 3.47 19.45 -15.19
N ASN L 61 2.42 18.70 -14.85
CA ASN L 61 1.21 18.60 -15.67
C ASN L 61 0.04 18.40 -14.72
N TRP L 62 -1.18 18.49 -15.27
CA TRP L 62 -2.35 18.41 -14.42
C TRP L 62 -2.43 17.07 -13.69
N GLY L 63 -1.88 16.01 -14.28
CA GLY L 63 -1.86 14.73 -13.59
C GLY L 63 -0.96 14.74 -12.38
N ARG L 64 0.19 15.38 -12.47
CA ARG L 64 1.07 15.54 -11.32
C ARG L 64 0.43 16.43 -10.27
N VAL L 65 -0.29 17.47 -10.70
CA VAL L 65 -0.91 18.40 -9.75
C VAL L 65 -2.01 17.71 -8.96
N VAL L 66 -2.89 16.97 -9.64
CA VAL L 66 -3.98 16.31 -8.91
C VAL L 66 -3.45 15.14 -8.09
N ALA L 67 -2.36 14.51 -8.51
CA ALA L 67 -1.77 13.46 -7.67
C ALA L 67 -1.23 14.05 -6.38
N LEU L 68 -0.60 15.23 -6.46
CA LEU L 68 -0.14 15.91 -5.26
C LEU L 68 -1.31 16.33 -4.38
N LEU L 69 -2.39 16.83 -5.00
CA LEU L 69 -3.56 17.23 -4.23
C LEU L 69 -4.23 16.03 -3.58
N GLY L 70 -4.37 14.93 -4.30
CA GLY L 70 -4.94 13.73 -3.71
C GLY L 70 -4.08 13.18 -2.57
N PHE L 71 -2.76 13.20 -2.75
CA PHE L 71 -1.87 12.75 -1.69
C PHE L 71 -1.90 13.71 -0.50
N GLY L 72 -1.94 15.01 -0.75
CA GLY L 72 -1.97 15.97 0.34
C GLY L 72 -3.24 15.85 1.17
N TYR L 73 -4.37 15.59 0.51
CA TYR L 73 -5.60 15.32 1.25
C TYR L 73 -5.48 14.04 2.06
N ARG L 74 -4.89 13.00 1.48
CA ARG L 74 -4.68 11.75 2.20
C ARG L 74 -3.74 11.97 3.39
N LEU L 75 -2.71 12.79 3.21
CA LEU L 75 -1.80 13.11 4.31
C LEU L 75 -2.51 13.86 5.42
N ALA L 76 -3.23 14.93 5.08
CA ALA L 76 -3.92 15.72 6.09
C ALA L 76 -4.95 14.90 6.84
N LEU L 77 -5.65 14.02 6.13
CA LEU L 77 -6.60 13.13 6.79
C LEU L 77 -5.89 12.10 7.64
N HIS L 78 -4.69 11.69 7.26
CA HIS L 78 -3.93 10.75 8.08
C HIS L 78 -3.53 11.38 9.41
N VAL L 79 -3.03 12.63 9.37
CA VAL L 79 -2.67 13.32 10.61
C VAL L 79 -3.91 13.60 11.44
N TYR L 80 -4.98 14.09 10.79
CA TYR L 80 -6.20 14.43 11.51
C TYR L 80 -6.75 13.22 12.26
N GLN L 81 -6.73 12.05 11.62
CA GLN L 81 -7.34 10.87 12.23
C GLN L 81 -6.42 10.23 13.27
N HIS L 82 -5.10 10.25 13.03
N HIS L 82 -5.10 10.25 13.03
CA HIS L 82 -4.16 9.65 13.96
CA HIS L 82 -4.17 9.66 13.97
C HIS L 82 -3.71 10.64 15.03
C HIS L 82 -3.72 10.64 15.03
N GLY L 83 -3.49 11.90 14.66
CA GLY L 83 -3.05 12.91 15.60
C GLY L 83 -4.11 13.27 16.61
#